data_7OT0
#
_entry.id   7OT0
#
_cell.length_a   71.163
_cell.length_b   93.458
_cell.length_c   87.484
_cell.angle_alpha   90.000
_cell.angle_beta   108.610
_cell.angle_gamma   90.000
#
_symmetry.space_group_name_H-M   'P 1 21 1'
#
loop_
_entity.id
_entity.type
_entity.pdbx_description
1 polymer 'Bifunctional glutamate/proline--tRNA ligase'
2 non-polymer PROLINE
3 non-polymer 3-[(2-chlorophenyl)methylamino]pyrazine-2-carboxamide
4 non-polymer 'ZINC ION'
5 non-polymer 'STRONTIUM ION'
6 water water
#
_entity_poly.entity_id   1
_entity_poly.type   'polypeptide(L)'
_entity_poly.pdbx_seq_one_letter_code
;GAGEGQGPKKQTRLGLEAKKEENLADWYSQVITKSEMIEYHDISGCYILRPWAYAIWEAIKDFFDAEIKKLGVENCYFPM
FVSQSALEKEKTHVADFAPEVAWVTRSGKTELAEPIAIRPTSETVMYPAYAKWVQSHRDLPIKLNQWCNVVRWEFKHPQP
FLRTREFLWQEGHSAFATMEEAAEEVLQILDLYAQVYEELLAIPVVKGRKTEKEKFAGGDYTTTIEAFISASGRAIQGGT
SHHLGQNFSKMFEIVFEDPKIPGEKQFAYQNSWGLTTRTIGVMTMVHGDNMGLVLPPRVACVQVVIIPCGITNALSEEDK
EALIAKCNDYRRRLLSVNIRVRADLRDNYSPGWKFNHWELKGVPIRLEVGPRDMKSCQFVAVRRDTGEKLTVAENEAETK
LQAILEDIQVTLFTRASEDLKTHMVVANTMEDFQKILDSGKIVQIPFCGEIDCEDWIKKTTARDQDLEPGAPSMGAKSLC
IPFKPLCELQPGAKCVCGKNPAKYYTLFGRSY
;
_entity_poly.pdbx_strand_id   A,B
#
loop_
_chem_comp.id
_chem_comp.type
_chem_comp.name
_chem_comp.formula
0YI non-polymer 3-[(2-chlorophenyl)methylamino]pyrazine-2-carboxamide 'C12 H11 Cl N4 O'
SR non-polymer 'STRONTIUM ION' 'Sr 2'
ZN non-polymer 'ZINC ION' 'Zn 2'
#
# COMPACT_ATOMS: atom_id res chain seq x y z
N GLY A 15 -13.03 -30.22 -5.53
CA GLY A 15 -12.88 -30.42 -4.11
C GLY A 15 -11.44 -30.34 -3.65
N LEU A 16 -11.17 -30.79 -2.42
CA LEU A 16 -9.84 -30.78 -1.86
C LEU A 16 -9.34 -32.23 -1.72
N GLU A 17 -8.10 -32.47 -2.16
CA GLU A 17 -7.53 -33.82 -2.18
C GLU A 17 -6.78 -34.15 -0.90
N ALA A 18 -5.89 -33.26 -0.46
CA ALA A 18 -5.07 -33.52 0.71
C ALA A 18 -5.88 -33.36 2.00
N LYS A 19 -5.40 -34.02 3.06
CA LYS A 19 -6.02 -33.96 4.38
C LYS A 19 -5.08 -33.24 5.33
N LYS A 20 -5.62 -32.25 6.04
CA LYS A 20 -4.80 -31.41 6.91
C LYS A 20 -4.13 -32.21 8.00
N GLU A 21 -4.75 -33.32 8.43
CA GLU A 21 -4.21 -34.09 9.55
C GLU A 21 -3.09 -35.01 9.14
N GLU A 22 -3.04 -35.43 7.88
CA GLU A 22 -2.05 -36.41 7.43
C GLU A 22 -0.76 -35.74 7.00
N ASN A 23 -0.76 -35.11 5.83
CA ASN A 23 0.39 -34.36 5.33
C ASN A 23 -0.01 -32.89 5.25
N LEU A 24 0.61 -32.06 6.07
CA LEU A 24 0.17 -30.68 6.22
C LEU A 24 0.68 -29.79 5.09
N ALA A 25 1.87 -30.08 4.55
CA ALA A 25 2.49 -29.20 3.56
C ALA A 25 1.64 -29.10 2.30
N ASP A 26 1.33 -30.24 1.69
CA ASP A 26 0.56 -30.21 0.45
C ASP A 26 -0.88 -29.78 0.70
N TRP A 27 -1.41 -30.04 1.89
CA TRP A 27 -2.71 -29.47 2.25
C TRP A 27 -2.68 -27.96 2.19
N TYR A 28 -1.70 -27.35 2.88
CA TYR A 28 -1.54 -25.90 2.86
C TYR A 28 -1.31 -25.41 1.44
N SER A 29 -0.48 -26.13 0.67
CA SER A 29 -0.24 -25.72 -0.71
C SER A 29 -1.51 -25.78 -1.55
N GLN A 30 -2.33 -26.81 -1.35
CA GLN A 30 -3.59 -26.91 -2.09
C GLN A 30 -4.62 -25.90 -1.61
N VAL A 31 -4.62 -25.59 -0.31
CA VAL A 31 -5.60 -24.64 0.20
C VAL A 31 -5.31 -23.24 -0.32
N ILE A 32 -4.03 -22.88 -0.44
CA ILE A 32 -3.72 -21.50 -0.83
C ILE A 32 -3.88 -21.32 -2.32
N THR A 33 -3.81 -22.40 -3.10
CA THR A 33 -3.98 -22.30 -4.54
C THR A 33 -5.44 -22.44 -4.94
N LYS A 34 -6.13 -23.47 -4.43
CA LYS A 34 -7.51 -23.69 -4.85
C LYS A 34 -8.43 -22.60 -4.34
N SER A 35 -8.05 -21.93 -3.25
CA SER A 35 -8.79 -20.77 -2.80
C SER A 35 -8.41 -19.51 -3.57
N GLU A 36 -7.45 -19.61 -4.50
CA GLU A 36 -7.03 -18.50 -5.34
C GLU A 36 -6.42 -17.38 -4.50
N MET A 37 -5.64 -17.74 -3.49
CA MET A 37 -4.89 -16.79 -2.68
C MET A 37 -3.46 -16.61 -3.15
N ILE A 38 -2.79 -17.70 -3.53
CA ILE A 38 -1.35 -17.72 -3.78
C ILE A 38 -1.11 -18.32 -5.16
N GLU A 39 -0.33 -17.62 -5.98
CA GLU A 39 0.24 -18.17 -7.19
C GLU A 39 1.76 -18.17 -7.05
N TYR A 40 2.40 -19.18 -7.62
CA TYR A 40 3.84 -19.37 -7.45
C TYR A 40 4.65 -18.57 -8.46
N HIS A 41 5.87 -18.24 -8.08
CA HIS A 41 6.79 -17.41 -8.86
C HIS A 41 8.06 -18.21 -9.13
N ASP A 42 8.79 -17.82 -10.19
CA ASP A 42 10.02 -18.51 -10.55
C ASP A 42 11.22 -18.04 -9.74
N ILE A 43 10.99 -17.41 -8.60
CA ILE A 43 12.04 -16.99 -7.68
C ILE A 43 11.66 -17.49 -6.30
N SER A 44 12.48 -18.37 -5.74
CA SER A 44 12.13 -19.04 -4.49
C SER A 44 11.91 -18.02 -3.39
N GLY A 45 10.88 -18.27 -2.57
CA GLY A 45 10.54 -17.41 -1.47
C GLY A 45 9.63 -16.24 -1.82
N CYS A 46 9.35 -16.04 -3.10
CA CYS A 46 8.47 -14.97 -3.55
C CYS A 46 7.17 -15.59 -4.06
N TYR A 47 6.05 -15.02 -3.66
CA TYR A 47 4.75 -15.59 -3.98
C TYR A 47 3.80 -14.46 -4.36
N ILE A 48 2.87 -14.79 -5.24
CA ILE A 48 1.89 -13.83 -5.74
C ILE A 48 0.72 -13.79 -4.77
N LEU A 49 0.33 -12.58 -4.36
CA LEU A 49 -0.86 -12.38 -3.54
C LEU A 49 -2.02 -12.08 -4.47
N ARG A 50 -2.87 -13.07 -4.70
CA ARG A 50 -4.03 -12.88 -5.54
C ARG A 50 -5.11 -12.10 -4.76
N PRO A 51 -6.07 -11.50 -5.47
CA PRO A 51 -7.06 -10.63 -4.78
C PRO A 51 -7.73 -11.25 -3.57
N TRP A 52 -7.96 -12.57 -3.56
CA TRP A 52 -8.65 -13.17 -2.43
C TRP A 52 -7.81 -13.05 -1.16
N ALA A 53 -6.48 -13.21 -1.27
CA ALA A 53 -5.62 -13.01 -0.11
C ALA A 53 -5.40 -11.52 0.15
N TYR A 54 -5.20 -10.74 -0.91
CA TYR A 54 -4.90 -9.33 -0.74
C TYR A 54 -6.05 -8.58 -0.07
N ALA A 55 -7.29 -9.01 -0.31
CA ALA A 55 -8.41 -8.37 0.37
C ALA A 55 -8.34 -8.58 1.88
N ILE A 56 -7.81 -9.71 2.31
CA ILE A 56 -7.62 -9.94 3.74
C ILE A 56 -6.60 -8.94 4.28
N TRP A 57 -5.53 -8.70 3.54
CA TRP A 57 -4.53 -7.71 3.96
C TRP A 57 -5.12 -6.31 4.01
N GLU A 58 -5.98 -5.97 3.03
CA GLU A 58 -6.63 -4.67 3.08
C GLU A 58 -7.58 -4.56 4.26
N ALA A 59 -8.21 -5.68 4.64
CA ALA A 59 -9.08 -5.65 5.81
C ALA A 59 -8.28 -5.43 7.09
N ILE A 60 -7.12 -6.10 7.21
CA ILE A 60 -6.23 -5.86 8.33
C ILE A 60 -5.68 -4.44 8.29
N LYS A 61 -5.36 -3.94 7.09
CA LYS A 61 -4.83 -2.58 6.97
C LYS A 61 -5.86 -1.55 7.39
N ASP A 62 -7.13 -1.76 7.05
CA ASP A 62 -8.16 -0.78 7.41
C ASP A 62 -8.36 -0.69 8.91
N PHE A 63 -8.22 -1.81 9.63
CA PHE A 63 -8.41 -1.78 11.07
C PHE A 63 -7.20 -1.22 11.80
N PHE A 64 -5.99 -1.59 11.36
CA PHE A 64 -4.79 -1.12 12.04
C PHE A 64 -4.51 0.35 11.75
N ASP A 65 -4.80 0.81 10.53
CA ASP A 65 -4.64 2.23 10.22
C ASP A 65 -5.50 3.08 11.14
N ALA A 66 -6.76 2.69 11.32
CA ALA A 66 -7.69 3.49 12.12
C ALA A 66 -7.24 3.55 13.58
N GLU A 67 -6.58 2.51 14.07
CA GLU A 67 -6.21 2.49 15.48
C GLU A 67 -4.94 3.27 15.76
N ILE A 68 -3.95 3.17 14.88
CA ILE A 68 -2.70 3.87 15.12
C ILE A 68 -2.85 5.37 14.86
N LYS A 69 -3.83 5.76 14.04
CA LYS A 69 -4.07 7.19 13.88
C LYS A 69 -4.70 7.80 15.14
N LYS A 70 -5.43 7.00 15.91
CA LYS A 70 -5.89 7.47 17.21
C LYS A 70 -4.73 7.78 18.14
N LEU A 71 -3.62 7.05 18.01
CA LEU A 71 -2.42 7.25 18.81
C LEU A 71 -1.55 8.39 18.32
N GLY A 72 -1.91 9.02 17.21
CA GLY A 72 -1.12 10.11 16.66
C GLY A 72 -0.15 9.70 15.59
N VAL A 73 -0.19 8.45 15.16
CA VAL A 73 0.73 7.95 14.15
C VAL A 73 0.22 8.35 12.77
N GLU A 74 1.16 8.72 11.90
CA GLU A 74 0.87 9.16 10.55
C GLU A 74 1.57 8.23 9.55
N ASN A 75 0.98 8.10 8.37
CA ASN A 75 1.52 7.23 7.34
C ASN A 75 2.43 8.01 6.40
N CYS A 76 3.45 7.34 5.89
CA CYS A 76 4.44 7.93 5.00
C CYS A 76 5.05 6.84 4.14
N TYR A 77 6.05 7.17 3.33
CA TYR A 77 6.81 6.14 2.61
C TYR A 77 8.25 6.60 2.46
N PHE A 78 9.19 5.77 2.95
CA PHE A 78 10.63 6.00 2.87
C PHE A 78 11.25 5.14 1.77
N PRO A 79 12.40 5.54 1.25
CA PRO A 79 13.06 4.74 0.20
C PRO A 79 13.37 3.31 0.65
N MET A 80 13.42 2.41 -0.33
CA MET A 80 13.77 1.01 -0.12
C MET A 80 15.27 0.74 -0.20
N PHE A 81 16.04 1.70 -0.73
CA PHE A 81 17.48 1.53 -0.88
C PHE A 81 18.22 2.13 0.30
N VAL A 82 19.21 1.41 0.81
CA VAL A 82 19.98 1.83 1.98
C VAL A 82 21.45 1.92 1.59
N SER A 83 22.11 3.00 2.02
CA SER A 83 23.54 3.06 1.78
C SER A 83 24.28 2.16 2.74
N GLN A 84 25.52 1.82 2.38
CA GLN A 84 26.35 1.00 3.27
C GLN A 84 26.61 1.71 4.59
N SER A 85 26.94 3.00 4.53
CA SER A 85 27.28 3.72 5.76
C SER A 85 26.07 3.82 6.69
N ALA A 86 24.88 4.03 6.13
CA ALA A 86 23.70 4.13 6.97
C ALA A 86 23.34 2.78 7.58
N LEU A 87 23.47 1.72 6.79
CA LEU A 87 23.06 0.40 7.24
C LEU A 87 23.91 -0.09 8.40
N GLU A 88 25.15 0.41 8.52
CA GLU A 88 26.10 -0.08 9.52
C GLU A 88 26.33 0.90 10.66
N LYS A 89 25.43 1.88 10.84
CA LYS A 89 25.56 2.79 11.97
C LYS A 89 25.38 2.05 13.29
N GLU A 90 24.33 1.25 13.42
CA GLU A 90 24.12 0.42 14.60
C GLU A 90 24.83 -0.91 14.41
N LYS A 91 25.85 -1.18 15.23
CA LYS A 91 26.73 -2.31 14.98
C LYS A 91 26.01 -3.64 15.15
N THR A 92 25.34 -3.84 16.29
CA THR A 92 24.70 -5.13 16.54
C THR A 92 23.49 -5.35 15.65
N HIS A 93 22.90 -4.28 15.11
CA HIS A 93 21.74 -4.42 14.25
C HIS A 93 22.13 -4.95 12.87
N VAL A 94 23.13 -4.32 12.23
CA VAL A 94 23.57 -4.79 10.93
C VAL A 94 24.20 -6.17 11.03
N ALA A 95 24.77 -6.51 12.18
CA ALA A 95 25.41 -7.82 12.33
C ALA A 95 24.41 -8.95 12.20
N ASP A 96 23.20 -8.76 12.71
CA ASP A 96 22.20 -9.82 12.63
C ASP A 96 21.54 -9.90 11.26
N PHE A 97 21.52 -8.81 10.50
CA PHE A 97 20.82 -8.76 9.23
C PHE A 97 21.76 -8.81 8.02
N ALA A 98 23.07 -8.67 8.23
CA ALA A 98 24.00 -8.58 7.09
C ALA A 98 23.86 -9.72 6.10
N PRO A 99 23.89 -11.00 6.49
CA PRO A 99 23.90 -12.05 5.46
C PRO A 99 22.59 -12.18 4.69
N GLU A 100 21.48 -11.65 5.21
CA GLU A 100 20.18 -11.78 4.55
C GLU A 100 19.78 -10.51 3.81
N VAL A 101 20.72 -9.61 3.53
CA VAL A 101 20.45 -8.36 2.83
C VAL A 101 20.78 -8.54 1.35
N ALA A 102 19.84 -8.16 0.48
CA ALA A 102 20.03 -8.21 -0.96
C ALA A 102 20.65 -6.91 -1.44
N TRP A 103 21.70 -7.01 -2.24
CA TRP A 103 22.47 -5.85 -2.66
C TRP A 103 22.29 -5.61 -4.15
N VAL A 104 21.91 -4.38 -4.51
CA VAL A 104 21.92 -3.92 -5.89
C VAL A 104 23.36 -3.54 -6.24
N THR A 105 23.93 -4.21 -7.24
CA THR A 105 25.31 -3.98 -7.61
C THR A 105 25.49 -3.39 -9.01
N ARG A 106 24.43 -3.36 -9.81
CA ARG A 106 24.58 -2.83 -11.17
C ARG A 106 23.22 -2.39 -11.69
N SER A 107 23.25 -1.41 -12.58
CA SER A 107 22.08 -0.96 -13.31
C SER A 107 22.33 -1.25 -14.79
N GLY A 108 21.51 -2.13 -15.36
CA GLY A 108 21.74 -2.51 -16.74
C GLY A 108 23.01 -3.35 -16.78
N LYS A 109 23.97 -2.89 -17.57
CA LYS A 109 25.28 -3.53 -17.68
C LYS A 109 26.38 -2.75 -16.97
N THR A 110 26.06 -1.62 -16.35
CA THR A 110 27.03 -0.75 -15.71
C THR A 110 27.10 -1.04 -14.22
N GLU A 111 28.30 -1.36 -13.73
CA GLU A 111 28.48 -1.66 -12.32
C GLU A 111 28.35 -0.40 -11.48
N LEU A 112 27.65 -0.52 -10.36
CA LEU A 112 27.51 0.59 -9.42
C LEU A 112 28.83 0.85 -8.72
N ALA A 113 29.18 2.13 -8.57
CA ALA A 113 30.40 2.47 -7.84
C ALA A 113 30.32 2.01 -6.39
N GLU A 114 29.16 2.17 -5.76
CA GLU A 114 28.94 1.68 -4.40
C GLU A 114 27.65 0.88 -4.39
N PRO A 115 27.68 -0.39 -4.00
CA PRO A 115 26.45 -1.17 -3.92
C PRO A 115 25.49 -0.60 -2.89
N ILE A 116 24.22 -0.52 -3.27
CA ILE A 116 23.16 -0.14 -2.36
C ILE A 116 22.40 -1.40 -1.96
N ALA A 117 21.71 -1.31 -0.84
CA ALA A 117 21.05 -2.46 -0.24
C ALA A 117 19.54 -2.30 -0.27
N ILE A 118 18.86 -3.42 -0.33
CA ILE A 118 17.40 -3.42 -0.20
C ILE A 118 17.05 -3.57 1.27
N ARG A 119 16.16 -2.71 1.75
CA ARG A 119 15.82 -2.65 3.17
C ARG A 119 15.31 -4.00 3.68
N PRO A 120 15.95 -4.61 4.69
CA PRO A 120 15.28 -5.66 5.45
C PRO A 120 14.35 -5.13 6.52
N THR A 121 14.47 -3.84 6.85
CA THR A 121 13.74 -3.08 7.84
C THR A 121 14.32 -1.67 7.79
N SER A 122 13.47 -0.69 8.09
CA SER A 122 13.76 0.69 7.71
C SER A 122 14.36 1.52 8.85
N GLU A 123 14.95 0.88 9.86
CA GLU A 123 15.59 1.64 10.95
C GLU A 123 16.68 2.56 10.40
N THR A 124 17.61 2.01 9.62
CA THR A 124 18.75 2.78 9.14
C THR A 124 18.39 3.73 8.00
N VAL A 125 17.19 3.64 7.44
CA VAL A 125 16.73 4.53 6.38
C VAL A 125 16.08 5.78 6.98
N MET A 126 15.24 5.61 8.00
CA MET A 126 14.43 6.69 8.59
C MET A 126 15.19 7.53 9.61
N TYR A 127 16.04 6.91 10.41
CA TYR A 127 16.61 7.61 11.57
C TYR A 127 17.60 8.71 11.19
N PRO A 128 18.30 8.64 10.05
CA PRO A 128 18.99 9.87 9.59
C PRO A 128 18.02 11.03 9.39
N ALA A 129 16.82 10.78 8.88
CA ALA A 129 15.86 11.85 8.73
C ALA A 129 15.28 12.28 10.07
N TYR A 130 15.09 11.34 11.01
CA TYR A 130 14.64 11.71 12.34
C TYR A 130 15.60 12.71 12.96
N ALA A 131 16.91 12.48 12.81
CA ALA A 131 17.88 13.40 13.37
C ALA A 131 17.73 14.79 12.76
N LYS A 132 17.47 14.87 11.46
CA LYS A 132 17.31 16.17 10.83
C LYS A 132 16.04 16.86 11.30
N TRP A 133 14.98 16.09 11.50
CA TRP A 133 13.70 16.69 11.88
C TRP A 133 13.64 17.09 13.36
N VAL A 134 14.50 16.53 14.20
CA VAL A 134 14.46 16.77 15.64
C VAL A 134 15.63 17.68 16.00
N GLN A 135 15.32 18.93 16.29
CA GLN A 135 16.29 19.88 16.84
C GLN A 135 15.88 20.41 18.21
N SER A 136 14.61 20.71 18.41
CA SER A 136 14.09 21.17 19.69
C SER A 136 13.17 20.11 20.28
N HIS A 137 12.85 20.27 21.57
CA HIS A 137 11.94 19.34 22.23
C HIS A 137 10.54 19.39 21.64
N ARG A 138 10.19 20.48 20.95
CA ARG A 138 8.89 20.59 20.30
C ARG A 138 8.73 19.64 19.13
N ASP A 139 9.84 19.23 18.50
CA ASP A 139 9.79 18.29 17.38
C ASP A 139 9.43 16.89 17.80
N LEU A 140 9.40 16.60 19.09
CA LEU A 140 9.04 15.27 19.56
C LEU A 140 7.64 15.29 20.19
N PRO A 141 6.90 14.17 20.12
CA PRO A 141 7.30 12.90 19.53
C PRO A 141 7.12 12.83 18.02
N ILE A 142 7.92 12.00 17.37
CA ILE A 142 7.75 11.64 15.97
C ILE A 142 7.09 10.26 15.93
N LYS A 143 5.90 10.16 15.33
CA LYS A 143 5.19 8.89 15.20
C LYS A 143 4.86 8.67 13.74
N LEU A 144 5.59 7.74 13.10
CA LEU A 144 5.41 7.47 11.67
C LEU A 144 5.24 5.97 11.44
N ASN A 145 4.42 5.65 10.44
CA ASN A 145 4.17 4.29 10.00
C ASN A 145 4.20 4.24 8.48
N GLN A 146 4.63 3.10 7.94
CA GLN A 146 4.55 2.91 6.50
C GLN A 146 4.16 1.47 6.18
N TRP A 147 3.27 1.32 5.18
CA TRP A 147 2.94 0.04 4.57
C TRP A 147 3.78 -0.13 3.31
N CYS A 148 4.59 -1.17 3.25
CA CYS A 148 5.57 -1.32 2.19
C CYS A 148 6.06 -2.75 2.17
N ASN A 149 6.98 -3.05 1.25
CA ASN A 149 7.63 -4.34 1.15
C ASN A 149 9.06 -4.27 1.70
N VAL A 150 9.51 -5.38 2.29
CA VAL A 150 10.93 -5.54 2.62
C VAL A 150 11.40 -6.90 2.11
N VAL A 151 12.72 -7.04 2.02
CA VAL A 151 13.35 -8.26 1.52
C VAL A 151 14.28 -8.80 2.59
N ARG A 152 14.15 -10.09 2.89
CA ARG A 152 15.05 -10.76 3.84
C ARG A 152 15.45 -12.10 3.22
N TRP A 153 16.62 -12.13 2.59
CA TRP A 153 17.13 -13.36 1.97
C TRP A 153 17.59 -14.32 3.06
N GLU A 154 16.66 -14.91 3.79
CA GLU A 154 17.00 -15.67 4.98
C GLU A 154 17.48 -17.08 4.64
N PHE A 155 18.15 -17.69 5.61
CA PHE A 155 18.64 -19.06 5.49
C PHE A 155 17.64 -20.03 6.12
N LYS A 156 16.44 -20.06 5.55
CA LYS A 156 15.35 -20.87 6.09
C LYS A 156 14.47 -21.38 4.96
N HIS A 157 13.66 -22.38 5.27
CA HIS A 157 12.78 -22.94 4.26
C HIS A 157 11.66 -21.95 3.97
N PRO A 158 11.52 -21.49 2.73
CA PRO A 158 10.40 -20.58 2.41
C PRO A 158 9.07 -21.32 2.42
N GLN A 159 8.04 -20.61 2.88
CA GLN A 159 6.70 -21.15 2.94
C GLN A 159 5.76 -19.96 2.74
N PRO A 160 4.79 -20.06 1.84
CA PRO A 160 3.93 -18.90 1.55
C PRO A 160 3.26 -18.33 2.80
N PHE A 161 3.17 -17.00 2.84
CA PHE A 161 2.72 -16.21 3.98
C PHE A 161 3.64 -16.32 5.18
N LEU A 162 3.99 -17.55 5.59
CA LEU A 162 4.69 -17.76 6.85
C LEU A 162 6.13 -17.26 6.78
N ARG A 163 6.87 -17.67 5.76
CA ARG A 163 8.31 -17.40 5.64
C ARG A 163 8.65 -17.12 4.18
N THR A 164 8.70 -15.85 3.80
CA THR A 164 8.96 -15.46 2.42
C THR A 164 10.16 -14.52 2.35
N ARG A 165 10.83 -14.50 1.19
CA ARG A 165 11.99 -13.63 1.02
C ARG A 165 11.57 -12.18 0.87
N GLU A 166 10.46 -11.92 0.18
CA GLU A 166 9.85 -10.60 0.16
C GLU A 166 8.47 -10.70 0.78
N PHE A 167 8.13 -9.74 1.64
CA PHE A 167 6.79 -9.74 2.24
C PHE A 167 6.35 -8.31 2.47
N LEU A 168 5.02 -8.13 2.48
CA LEU A 168 4.42 -6.85 2.81
C LEU A 168 4.19 -6.77 4.31
N TRP A 169 4.35 -5.57 4.85
CA TRP A 169 4.17 -5.36 6.27
C TRP A 169 3.86 -3.89 6.52
N GLN A 170 3.51 -3.59 7.76
CA GLN A 170 3.60 -2.24 8.28
C GLN A 170 4.76 -2.19 9.26
N GLU A 171 5.53 -1.12 9.23
CA GLU A 171 6.52 -0.84 10.25
C GLU A 171 6.25 0.56 10.80
N GLY A 172 6.05 0.66 12.10
CA GLY A 172 5.90 1.94 12.77
C GLY A 172 7.14 2.24 13.60
N HIS A 173 7.64 3.46 13.47
CA HIS A 173 8.82 3.93 14.19
C HIS A 173 8.45 5.22 14.93
N SER A 174 8.48 5.17 16.25
CA SER A 174 8.16 6.32 17.10
C SER A 174 9.36 6.70 17.94
N ALA A 175 9.56 8.01 18.11
CA ALA A 175 10.66 8.56 18.90
C ALA A 175 10.09 9.52 19.93
N PHE A 176 10.54 9.40 21.17
CA PHE A 176 10.00 10.17 22.29
C PHE A 176 11.12 10.82 23.08
N ALA A 177 10.74 11.83 23.88
CA ALA A 177 11.69 12.52 24.75
C ALA A 177 12.00 11.72 26.01
N THR A 178 11.03 10.96 26.52
CA THR A 178 11.21 10.17 27.72
C THR A 178 11.00 8.69 27.43
N MET A 179 11.48 7.85 28.35
CA MET A 179 11.27 6.41 28.24
C MET A 179 9.86 6.00 28.63
N GLU A 180 9.23 6.74 29.53
CA GLU A 180 7.87 6.43 29.95
C GLU A 180 6.89 6.53 28.78
N GLU A 181 7.09 7.52 27.90
CA GLU A 181 6.28 7.62 26.70
C GLU A 181 6.51 6.45 25.76
N ALA A 182 7.77 6.05 25.58
CA ALA A 182 8.07 4.95 24.66
C ALA A 182 7.54 3.62 25.17
N ALA A 183 7.80 3.32 26.45
CA ALA A 183 7.34 2.06 27.01
C ALA A 183 5.83 1.93 26.95
N GLU A 184 5.11 3.04 27.15
CA GLU A 184 3.65 3.01 27.05
C GLU A 184 3.20 2.59 25.66
N GLU A 185 3.84 3.12 24.61
CA GLU A 185 3.42 2.79 23.25
C GLU A 185 3.71 1.33 22.92
N VAL A 186 4.79 0.76 23.46
CA VAL A 186 5.13 -0.63 23.16
C VAL A 186 3.97 -1.55 23.48
N LEU A 187 3.40 -1.42 24.68
CA LEU A 187 2.27 -2.24 25.07
C LEU A 187 1.00 -1.83 24.32
N GLN A 188 0.84 -0.55 24.01
CA GLN A 188 -0.32 -0.12 23.24
C GLN A 188 -0.38 -0.81 21.88
N ILE A 189 0.77 -0.88 21.20
CA ILE A 189 0.82 -1.48 19.87
C ILE A 189 0.66 -3.00 19.96
N LEU A 190 1.35 -3.64 20.91
CA LEU A 190 1.22 -5.08 21.07
C LEU A 190 -0.22 -5.50 21.31
N ASP A 191 -0.97 -4.68 22.06
CA ASP A 191 -2.39 -4.98 22.25
C ASP A 191 -3.16 -4.81 20.95
N LEU A 192 -2.74 -3.88 20.09
CA LEU A 192 -3.35 -3.75 18.78
C LEU A 192 -3.09 -4.97 17.92
N TYR A 193 -1.85 -5.49 17.92
CA TYR A 193 -1.55 -6.72 17.20
C TYR A 193 -2.40 -7.87 17.74
N ALA A 194 -2.59 -7.92 19.06
CA ALA A 194 -3.43 -8.96 19.63
C ALA A 194 -4.88 -8.80 19.20
N GLN A 195 -5.35 -7.57 19.01
CA GLN A 195 -6.70 -7.35 18.51
C GLN A 195 -6.85 -7.81 17.07
N VAL A 196 -5.80 -7.66 16.26
CA VAL A 196 -5.82 -8.15 14.89
C VAL A 196 -6.01 -9.66 14.86
N TYR A 197 -5.35 -10.37 15.77
CA TYR A 197 -5.43 -11.84 15.74
C TYR A 197 -6.69 -12.36 16.40
N GLU A 198 -7.09 -11.77 17.53
CA GLU A 198 -8.17 -12.31 18.34
C GLU A 198 -9.54 -11.78 17.92
N GLU A 199 -9.60 -10.57 17.39
CA GLU A 199 -10.88 -9.96 17.02
C GLU A 199 -11.18 -9.98 15.54
N LEU A 200 -10.14 -10.05 14.69
CA LEU A 200 -10.32 -10.09 13.25
C LEU A 200 -10.11 -11.49 12.69
N LEU A 201 -9.03 -12.15 13.08
CA LEU A 201 -8.69 -13.48 12.56
C LEU A 201 -9.18 -14.62 13.45
N ALA A 202 -9.80 -14.31 14.59
CA ALA A 202 -10.30 -15.32 15.53
C ALA A 202 -9.19 -16.30 15.95
N ILE A 203 -8.01 -15.77 16.26
CA ILE A 203 -6.85 -16.56 16.64
C ILE A 203 -6.36 -16.08 18.00
N PRO A 204 -6.27 -16.95 19.01
CA PRO A 204 -5.73 -16.52 20.30
C PRO A 204 -4.21 -16.41 20.27
N VAL A 205 -3.69 -15.43 21.00
CA VAL A 205 -2.25 -15.17 21.06
C VAL A 205 -1.81 -15.04 22.51
N VAL A 206 -0.51 -15.19 22.72
CA VAL A 206 0.10 -15.08 24.05
C VAL A 206 1.02 -13.87 24.03
N LYS A 207 0.65 -12.83 24.76
CA LYS A 207 1.53 -11.67 24.90
C LYS A 207 2.72 -12.05 25.77
N GLY A 208 3.93 -11.67 25.34
CA GLY A 208 5.10 -12.00 26.10
C GLY A 208 6.30 -11.16 25.72
N ARG A 209 7.42 -11.43 26.39
CA ARG A 209 8.67 -10.77 26.11
C ARG A 209 9.66 -11.78 25.54
N LYS A 210 10.35 -11.41 24.47
CA LYS A 210 11.36 -12.29 23.91
C LYS A 210 12.55 -12.40 24.85
N THR A 211 13.21 -13.55 24.83
CA THR A 211 14.42 -13.73 25.60
C THR A 211 15.57 -12.89 25.01
N GLU A 212 16.71 -12.92 25.68
CA GLU A 212 17.85 -12.13 25.21
C GLU A 212 18.39 -12.63 23.88
N LYS A 213 18.34 -13.94 23.64
CA LYS A 213 18.82 -14.48 22.37
C LYS A 213 17.91 -14.06 21.22
N GLU A 214 16.60 -14.20 21.39
CA GLU A 214 15.67 -13.99 20.30
C GLU A 214 15.19 -12.54 20.19
N LYS A 215 15.78 -11.62 20.94
CA LYS A 215 15.32 -10.24 20.90
C LYS A 215 15.92 -9.49 19.70
N PHE A 216 15.26 -8.39 19.33
CA PHE A 216 15.67 -7.58 18.19
C PHE A 216 17.07 -7.01 18.42
N ALA A 217 17.95 -7.22 17.45
CA ALA A 217 19.32 -6.75 17.56
C ALA A 217 19.34 -5.23 17.45
N GLY A 218 19.77 -4.56 18.53
CA GLY A 218 19.80 -3.12 18.60
C GLY A 218 18.77 -2.50 19.52
N GLY A 219 17.94 -3.31 20.19
CA GLY A 219 16.94 -2.80 21.09
C GLY A 219 17.20 -3.24 22.52
N ASP A 220 16.47 -2.63 23.46
CA ASP A 220 16.59 -3.00 24.86
C ASP A 220 15.72 -4.21 25.20
N TYR A 221 14.45 -4.19 24.78
CA TYR A 221 13.59 -5.36 24.94
C TYR A 221 12.57 -5.39 23.82
N THR A 222 12.04 -6.58 23.56
CA THR A 222 11.03 -6.77 22.52
C THR A 222 9.86 -7.55 23.08
N THR A 223 8.66 -7.07 22.81
CA THR A 223 7.45 -7.80 23.11
C THR A 223 6.93 -8.47 21.84
N THR A 224 6.13 -9.51 22.01
CA THR A 224 5.67 -10.30 20.88
C THR A 224 4.38 -11.00 21.26
N ILE A 225 3.61 -11.36 20.24
CA ILE A 225 2.45 -12.24 20.38
C ILE A 225 2.74 -13.54 19.65
N GLU A 226 2.57 -14.66 20.34
CA GLU A 226 2.82 -15.98 19.78
C GLU A 226 1.50 -16.70 19.56
N ALA A 227 1.32 -17.27 18.38
CA ALA A 227 0.14 -18.06 18.03
C ALA A 227 0.53 -19.51 17.88
N PHE A 228 -0.47 -20.40 18.01
CA PHE A 228 -0.24 -21.84 17.97
C PHE A 228 -0.95 -22.47 16.78
N ILE A 229 -0.24 -23.34 16.08
CA ILE A 229 -0.76 -24.10 14.95
C ILE A 229 -0.78 -25.57 15.35
N SER A 230 -1.97 -26.08 15.64
CA SER A 230 -2.09 -27.42 16.22
C SER A 230 -1.86 -28.52 15.20
N ALA A 231 -2.04 -28.26 13.91
CA ALA A 231 -1.84 -29.30 12.90
C ALA A 231 -0.41 -29.82 12.91
N SER A 232 0.57 -28.91 13.05
CA SER A 232 1.97 -29.29 13.16
C SER A 232 2.50 -29.23 14.58
N GLY A 233 1.67 -28.87 15.56
CA GLY A 233 2.14 -28.63 16.91
C GLY A 233 3.15 -27.52 17.07
N ARG A 234 3.33 -26.66 16.07
CA ARG A 234 4.33 -25.60 16.12
C ARG A 234 3.71 -24.24 16.40
N ALA A 235 4.48 -23.37 17.06
CA ALA A 235 4.05 -22.01 17.31
C ALA A 235 4.66 -21.06 16.27
N ILE A 236 4.18 -19.82 16.24
CA ILE A 236 4.65 -18.85 15.27
C ILE A 236 4.47 -17.45 15.86
N GLN A 237 5.37 -16.55 15.50
CA GLN A 237 5.31 -15.17 15.95
C GLN A 237 4.36 -14.37 15.08
N GLY A 238 3.34 -13.77 15.71
CA GLY A 238 2.34 -13.01 14.97
C GLY A 238 2.67 -11.54 14.78
N GLY A 239 3.55 -11.00 15.61
CA GLY A 239 3.91 -9.59 15.55
C GLY A 239 4.82 -9.21 16.69
N THR A 240 5.59 -8.14 16.53
CA THR A 240 6.52 -7.69 17.55
C THR A 240 6.45 -6.19 17.72
N SER A 241 6.67 -5.74 18.96
CA SER A 241 6.78 -4.33 19.30
C SER A 241 8.06 -4.18 20.13
N HIS A 242 9.08 -3.55 19.55
CA HIS A 242 10.37 -3.41 20.21
C HIS A 242 10.48 -2.06 20.92
N HIS A 243 11.19 -2.07 22.04
CA HIS A 243 11.68 -0.83 22.64
C HIS A 243 13.15 -0.72 22.27
N LEU A 244 13.48 0.22 21.38
CA LEU A 244 14.85 0.43 20.94
C LEU A 244 15.68 1.23 21.94
N GLY A 245 15.05 1.84 22.95
CA GLY A 245 15.79 2.64 23.89
C GLY A 245 16.48 3.78 23.17
N GLN A 246 17.78 3.91 23.42
CA GLN A 246 18.57 4.97 22.83
C GLN A 246 19.70 4.43 21.96
N ASN A 247 19.69 3.13 21.68
CA ASN A 247 20.80 2.53 20.94
C ASN A 247 20.90 3.13 19.54
N PHE A 248 19.77 3.47 18.93
CA PHE A 248 19.76 4.03 17.58
C PHE A 248 19.90 5.54 17.59
N SER A 249 19.29 6.22 18.57
CA SER A 249 19.46 7.66 18.67
C SER A 249 20.89 8.02 19.03
N LYS A 250 21.61 7.13 19.71
CA LYS A 250 23.01 7.40 19.98
C LYS A 250 23.88 7.21 18.76
N MET A 251 23.43 6.42 17.79
CA MET A 251 24.24 6.20 16.60
C MET A 251 23.87 7.14 15.47
N PHE A 252 22.60 7.53 15.36
CA PHE A 252 22.13 8.42 14.32
C PHE A 252 21.99 9.87 14.79
N GLU A 253 22.35 10.16 16.03
CA GLU A 253 22.37 11.52 16.58
C GLU A 253 20.98 12.15 16.53
N ILE A 254 20.00 11.45 17.10
CA ILE A 254 18.64 11.97 17.24
C ILE A 254 18.60 12.62 18.61
N VAL A 255 18.96 13.90 18.64
CA VAL A 255 19.28 14.56 19.90
C VAL A 255 18.48 15.85 20.00
N PHE A 256 18.22 16.25 21.25
CA PHE A 256 17.53 17.49 21.54
C PHE A 256 18.02 17.98 22.87
N GLU A 257 17.62 19.19 23.23
CA GLU A 257 17.95 19.76 24.53
C GLU A 257 16.69 19.76 25.39
N ASP A 258 16.80 19.15 26.57
CA ASP A 258 15.69 19.15 27.52
C ASP A 258 15.60 20.49 28.21
N PRO A 259 14.40 21.09 28.34
CA PRO A 259 14.30 22.39 29.03
C PRO A 259 14.71 22.36 30.49
N LYS A 260 14.62 21.20 31.16
CA LYS A 260 15.03 21.07 32.56
C LYS A 260 16.52 20.82 32.73
N ILE A 261 17.18 20.20 31.74
CA ILE A 261 18.61 19.93 31.80
C ILE A 261 19.35 20.88 30.87
N PRO A 262 19.89 21.98 31.38
CA PRO A 262 20.46 23.01 30.50
C PRO A 262 21.72 22.52 29.77
N GLY A 263 21.73 22.71 28.46
CA GLY A 263 22.95 22.58 27.68
C GLY A 263 23.49 21.18 27.50
N GLU A 264 22.70 20.16 27.82
CA GLU A 264 23.16 18.78 27.75
C GLU A 264 22.42 18.01 26.67
N LYS A 265 23.16 17.18 25.95
CA LYS A 265 22.63 16.43 24.81
C LYS A 265 21.74 15.30 25.30
N GLN A 266 20.48 15.31 24.88
CA GLN A 266 19.52 14.27 25.22
C GLN A 266 19.26 13.40 24.00
N PHE A 267 19.40 12.09 24.16
CA PHE A 267 19.12 11.13 23.10
C PHE A 267 17.68 10.63 23.21
N ALA A 268 16.97 10.64 22.08
CA ALA A 268 15.56 10.25 22.08
C ALA A 268 15.40 8.75 22.32
N TYR A 269 14.30 8.39 22.97
CA TYR A 269 13.92 7.00 23.15
C TYR A 269 13.03 6.58 21.98
N GLN A 270 13.33 5.43 21.37
CA GLN A 270 12.65 5.02 20.14
C GLN A 270 12.02 3.64 20.28
N ASN A 271 10.98 3.42 19.48
CA ASN A 271 10.33 2.12 19.36
C ASN A 271 10.15 1.79 17.88
N SER A 272 10.09 0.49 17.59
CA SER A 272 9.65 0.02 16.30
C SER A 272 8.72 -1.15 16.51
N TRP A 273 7.77 -1.32 15.60
CA TRP A 273 6.82 -2.41 15.69
C TRP A 273 6.40 -2.81 14.28
N GLY A 274 6.24 -4.12 14.06
CA GLY A 274 5.86 -4.60 12.75
C GLY A 274 4.89 -5.76 12.71
N LEU A 275 4.03 -5.76 11.68
CA LEU A 275 3.09 -6.84 11.45
C LEU A 275 3.11 -7.15 9.96
N THR A 276 3.10 -8.43 9.60
CA THR A 276 3.34 -8.83 8.22
C THR A 276 2.17 -9.62 7.66
N THR A 277 2.24 -9.92 6.36
CA THR A 277 1.24 -10.77 5.74
C THR A 277 1.29 -12.22 6.23
N ARG A 278 2.20 -12.55 7.15
CA ARG A 278 2.16 -13.85 7.82
C ARG A 278 0.80 -14.09 8.48
N THR A 279 0.14 -13.01 8.92
CA THR A 279 -1.21 -13.12 9.51
C THR A 279 -2.14 -13.98 8.67
N ILE A 280 -2.06 -13.86 7.35
CA ILE A 280 -2.94 -14.61 6.46
C ILE A 280 -2.64 -16.11 6.55
N GLY A 281 -1.36 -16.45 6.64
CA GLY A 281 -0.99 -17.86 6.71
C GLY A 281 -1.39 -18.50 8.02
N VAL A 282 -1.28 -17.75 9.12
CA VAL A 282 -1.74 -18.26 10.40
C VAL A 282 -3.24 -18.50 10.37
N MET A 283 -3.98 -17.57 9.77
CA MET A 283 -5.42 -17.75 9.63
C MET A 283 -5.75 -19.01 8.83
N THR A 284 -4.92 -19.30 7.84
CA THR A 284 -5.10 -20.50 7.05
C THR A 284 -4.82 -21.75 7.86
N MET A 285 -3.72 -21.75 8.62
CA MET A 285 -3.31 -22.94 9.35
C MET A 285 -4.24 -23.26 10.51
N VAL A 286 -4.88 -22.24 11.09
CA VAL A 286 -5.69 -22.47 12.28
C VAL A 286 -7.09 -22.92 11.90
N HIS A 287 -7.74 -22.18 10.99
CA HIS A 287 -9.15 -22.40 10.71
C HIS A 287 -9.41 -23.27 9.50
N GLY A 288 -8.42 -23.45 8.62
CA GLY A 288 -8.65 -24.24 7.43
C GLY A 288 -8.97 -25.69 7.77
N ASP A 289 -9.84 -26.30 6.96
CA ASP A 289 -10.24 -27.68 7.15
C ASP A 289 -10.02 -28.46 5.86
N ASN A 290 -10.55 -29.68 5.81
CA ASN A 290 -10.37 -30.52 4.63
C ASN A 290 -11.28 -30.13 3.48
N MET A 291 -12.16 -29.15 3.66
CA MET A 291 -12.94 -28.59 2.58
C MET A 291 -12.34 -27.30 2.04
N GLY A 292 -11.21 -26.85 2.58
CA GLY A 292 -10.50 -25.71 2.04
C GLY A 292 -10.31 -24.62 3.07
N LEU A 293 -10.20 -23.39 2.58
CA LEU A 293 -9.99 -22.24 3.44
C LEU A 293 -11.26 -21.97 4.25
N VAL A 294 -11.08 -21.29 5.38
CA VAL A 294 -12.19 -20.88 6.24
C VAL A 294 -11.93 -19.43 6.64
N LEU A 295 -12.75 -18.52 6.13
CA LEU A 295 -12.55 -17.10 6.40
C LEU A 295 -13.31 -16.68 7.64
N PRO A 296 -12.67 -16.02 8.59
CA PRO A 296 -13.42 -15.35 9.64
C PRO A 296 -14.27 -14.25 9.06
N PRO A 297 -15.55 -14.17 9.44
CA PRO A 297 -16.43 -13.14 8.87
C PRO A 297 -15.88 -11.74 8.99
N ARG A 298 -15.05 -11.47 10.01
CA ARG A 298 -14.53 -10.12 10.21
C ARG A 298 -13.64 -9.69 9.05
N VAL A 299 -12.85 -10.61 8.51
CA VAL A 299 -11.92 -10.32 7.42
C VAL A 299 -12.39 -10.87 6.09
N ALA A 300 -13.53 -11.56 6.06
CA ALA A 300 -14.01 -12.16 4.82
C ALA A 300 -14.27 -11.09 3.76
N CYS A 301 -13.53 -11.17 2.66
CA CYS A 301 -13.81 -10.34 1.48
C CYS A 301 -15.28 -10.45 1.08
N VAL A 302 -15.81 -11.66 1.06
CA VAL A 302 -17.23 -11.91 0.87
C VAL A 302 -17.73 -12.63 2.11
N GLN A 303 -18.70 -12.04 2.78
CA GLN A 303 -19.29 -12.70 3.95
C GLN A 303 -20.41 -13.64 3.54
N VAL A 304 -21.22 -13.24 2.56
CA VAL A 304 -22.33 -14.04 2.07
C VAL A 304 -22.27 -14.06 0.56
N VAL A 305 -22.27 -15.26 -0.01
CA VAL A 305 -22.35 -15.44 -1.46
C VAL A 305 -23.75 -15.98 -1.78
N ILE A 306 -24.43 -15.31 -2.70
CA ILE A 306 -25.78 -15.70 -3.12
C ILE A 306 -25.67 -16.43 -4.45
N ILE A 307 -26.26 -17.64 -4.51
CA ILE A 307 -26.14 -18.51 -5.67
C ILE A 307 -27.53 -18.93 -6.14
N PRO A 308 -27.90 -18.66 -7.39
CA PRO A 308 -29.20 -19.13 -7.90
C PRO A 308 -29.19 -20.63 -8.14
N CYS A 309 -30.14 -21.33 -7.52
CA CYS A 309 -30.28 -22.78 -7.63
C CYS A 309 -31.52 -23.14 -8.44
N GLY A 310 -31.48 -24.34 -9.03
CA GLY A 310 -32.61 -24.92 -9.73
C GLY A 310 -33.03 -24.25 -11.01
N ILE A 311 -32.07 -23.90 -11.85
CA ILE A 311 -32.38 -23.18 -13.10
C ILE A 311 -32.38 -24.25 -14.19
N THR A 312 -33.50 -24.94 -14.30
CA THR A 312 -33.61 -25.99 -15.30
C THR A 312 -33.90 -25.38 -16.66
N ASN A 313 -33.74 -26.18 -17.70
CA ASN A 313 -34.07 -25.76 -19.04
C ASN A 313 -35.56 -25.52 -19.24
N ALA A 314 -36.39 -25.98 -18.31
CA ALA A 314 -37.83 -25.81 -18.43
C ALA A 314 -38.30 -24.45 -17.96
N LEU A 315 -37.53 -23.78 -17.11
CA LEU A 315 -37.92 -22.46 -16.62
C LEU A 315 -37.89 -21.45 -17.77
N SER A 316 -38.94 -20.63 -17.86
CA SER A 316 -39.03 -19.64 -18.91
C SER A 316 -37.99 -18.54 -18.71
N GLU A 317 -37.74 -17.79 -19.78
CA GLU A 317 -36.79 -16.70 -19.69
C GLU A 317 -37.27 -15.62 -18.71
N GLU A 318 -38.58 -15.39 -18.64
CA GLU A 318 -39.12 -14.45 -17.67
C GLU A 318 -38.98 -14.98 -16.25
N ASP A 319 -39.23 -16.28 -16.06
CA ASP A 319 -39.11 -16.87 -14.72
C ASP A 319 -37.66 -16.87 -14.26
N LYS A 320 -36.73 -17.16 -15.16
CA LYS A 320 -35.31 -17.15 -14.78
C LYS A 320 -34.86 -15.75 -14.38
N GLU A 321 -35.40 -14.73 -15.05
CA GLU A 321 -35.05 -13.36 -14.71
C GLU A 321 -35.61 -12.96 -13.34
N ALA A 322 -36.78 -13.48 -12.98
CA ALA A 322 -37.33 -13.21 -11.65
C ALA A 322 -36.51 -13.87 -10.57
N LEU A 323 -35.94 -15.04 -10.85
CA LEU A 323 -35.05 -15.69 -9.90
C LEU A 323 -33.75 -14.91 -9.72
N ILE A 324 -33.25 -14.31 -10.80
CA ILE A 324 -32.07 -13.46 -10.69
C ILE A 324 -32.40 -12.18 -9.93
N ALA A 325 -33.60 -11.64 -10.13
CA ALA A 325 -33.99 -10.41 -9.45
C ALA A 325 -34.14 -10.63 -7.96
N LYS A 326 -34.63 -11.79 -7.54
CA LYS A 326 -34.73 -12.09 -6.11
C LYS A 326 -33.35 -12.16 -5.49
N CYS A 327 -32.37 -12.72 -6.22
CA CYS A 327 -31.02 -12.79 -5.70
C CYS A 327 -30.41 -11.39 -5.57
N ASN A 328 -30.61 -10.54 -6.58
CA ASN A 328 -30.14 -9.16 -6.48
C ASN A 328 -30.84 -8.41 -5.36
N ASP A 329 -32.10 -8.74 -5.08
CA ASP A 329 -32.80 -8.12 -3.97
C ASP A 329 -32.19 -8.53 -2.63
N TYR A 330 -31.85 -9.80 -2.47
CA TYR A 330 -31.10 -10.22 -1.27
C TYR A 330 -29.77 -9.50 -1.20
N ARG A 331 -29.12 -9.27 -2.34
CA ARG A 331 -27.84 -8.59 -2.35
C ARG A 331 -27.98 -7.15 -1.88
N ARG A 332 -29.00 -6.44 -2.37
CA ARG A 332 -29.22 -5.06 -1.94
C ARG A 332 -29.61 -4.99 -0.48
N ARG A 333 -30.43 -5.93 -0.02
CA ARG A 333 -30.84 -5.94 1.39
C ARG A 333 -29.65 -6.12 2.31
N LEU A 334 -28.71 -6.99 1.94
CA LEU A 334 -27.54 -7.20 2.77
C LEU A 334 -26.54 -6.05 2.69
N LEU A 335 -26.47 -5.36 1.54
CA LEU A 335 -25.58 -4.21 1.45
C LEU A 335 -26.08 -3.06 2.30
N SER A 336 -27.40 -2.89 2.43
CA SER A 336 -27.96 -1.81 3.21
C SER A 336 -27.70 -1.97 4.70
N VAL A 337 -27.33 -3.17 5.15
CA VAL A 337 -26.98 -3.43 6.54
C VAL A 337 -25.51 -3.79 6.68
N ASN A 338 -24.67 -3.37 5.73
CA ASN A 338 -23.21 -3.44 5.83
C ASN A 338 -22.69 -4.87 5.84
N ILE A 339 -23.41 -5.78 5.20
CA ILE A 339 -22.92 -7.14 5.00
C ILE A 339 -22.30 -7.22 3.60
N ARG A 340 -21.02 -7.57 3.55
CA ARG A 340 -20.30 -7.69 2.29
C ARG A 340 -20.79 -8.93 1.55
N VAL A 341 -21.53 -8.72 0.46
CA VAL A 341 -22.22 -9.80 -0.21
C VAL A 341 -21.89 -9.76 -1.70
N ARG A 342 -21.67 -10.93 -2.28
CA ARG A 342 -21.47 -11.08 -3.71
C ARG A 342 -22.56 -12.00 -4.27
N ALA A 343 -23.17 -11.60 -5.37
CA ALA A 343 -24.19 -12.39 -6.03
C ALA A 343 -23.57 -13.07 -7.24
N ASP A 344 -23.32 -14.38 -7.14
CA ASP A 344 -22.73 -15.15 -8.24
C ASP A 344 -23.81 -15.47 -9.26
N LEU A 345 -24.10 -14.47 -10.11
CA LEU A 345 -25.10 -14.59 -11.16
C LEU A 345 -24.54 -15.17 -12.44
N ARG A 346 -23.29 -15.64 -12.43
CA ARG A 346 -22.62 -16.11 -13.63
C ARG A 346 -23.35 -17.31 -14.23
N ASP A 347 -23.93 -17.13 -15.41
CA ASP A 347 -24.63 -18.20 -16.12
C ASP A 347 -23.67 -19.12 -16.89
N ASN A 348 -22.37 -19.06 -16.59
CA ASN A 348 -21.38 -19.86 -17.29
C ASN A 348 -20.92 -21.08 -16.49
N TYR A 349 -21.25 -21.15 -15.20
CA TYR A 349 -20.79 -22.22 -14.32
C TYR A 349 -21.98 -22.92 -13.68
N SER A 350 -21.79 -24.19 -13.33
CA SER A 350 -22.83 -24.96 -12.66
C SER A 350 -23.04 -24.47 -11.23
N PRO A 351 -24.20 -24.76 -10.63
CA PRO A 351 -24.38 -24.43 -9.21
C PRO A 351 -23.48 -25.22 -8.29
N GLY A 352 -23.25 -26.50 -8.58
CA GLY A 352 -22.36 -27.28 -7.74
C GLY A 352 -20.92 -26.81 -7.85
N TRP A 353 -20.53 -26.32 -9.02
CA TRP A 353 -19.21 -25.72 -9.17
C TRP A 353 -19.13 -24.45 -8.34
N LYS A 354 -20.22 -23.70 -8.24
CA LYS A 354 -20.25 -22.50 -7.41
C LYS A 354 -20.18 -22.84 -5.94
N PHE A 355 -20.95 -23.84 -5.49
CA PHE A 355 -20.85 -24.30 -4.11
C PHE A 355 -19.43 -24.69 -3.76
N ASN A 356 -18.78 -25.45 -4.65
CA ASN A 356 -17.41 -25.88 -4.41
C ASN A 356 -16.45 -24.70 -4.48
N HIS A 357 -16.64 -23.80 -5.45
CA HIS A 357 -15.73 -22.68 -5.62
C HIS A 357 -15.68 -21.82 -4.36
N TRP A 358 -16.84 -21.41 -3.86
CA TRP A 358 -16.88 -20.51 -2.71
C TRP A 358 -16.60 -21.22 -1.39
N GLU A 359 -16.76 -22.55 -1.33
CA GLU A 359 -16.37 -23.27 -0.13
C GLU A 359 -14.85 -23.31 0.01
N LEU A 360 -14.16 -23.54 -1.10
CA LEU A 360 -12.70 -23.53 -1.09
C LEU A 360 -12.15 -22.17 -0.67
N LYS A 361 -12.79 -21.09 -1.12
CA LYS A 361 -12.36 -19.74 -0.77
C LYS A 361 -12.74 -19.35 0.66
N GLY A 362 -13.64 -20.09 1.31
CA GLY A 362 -13.94 -19.88 2.70
C GLY A 362 -15.03 -18.88 3.01
N VAL A 363 -15.94 -18.62 2.08
CA VAL A 363 -17.00 -17.63 2.34
C VAL A 363 -17.84 -18.12 3.51
N PRO A 364 -18.07 -17.30 4.54
CA PRO A 364 -18.71 -17.82 5.76
C PRO A 364 -20.08 -18.42 5.53
N ILE A 365 -20.92 -17.77 4.72
CA ILE A 365 -22.30 -18.21 4.52
C ILE A 365 -22.59 -18.28 3.02
N ARG A 366 -23.19 -19.39 2.59
CA ARG A 366 -23.69 -19.54 1.24
C ARG A 366 -25.21 -19.43 1.28
N LEU A 367 -25.76 -18.58 0.43
CA LEU A 367 -27.20 -18.31 0.39
C LEU A 367 -27.78 -18.93 -0.88
N GLU A 368 -28.64 -19.91 -0.72
CA GLU A 368 -29.25 -20.63 -1.85
C GLU A 368 -30.69 -20.14 -2.06
N VAL A 369 -30.98 -19.69 -3.27
CA VAL A 369 -32.34 -19.31 -3.67
C VAL A 369 -32.74 -20.19 -4.84
N GLY A 370 -33.82 -20.94 -4.67
CA GLY A 370 -34.37 -21.73 -5.75
C GLY A 370 -35.78 -21.30 -6.07
N PRO A 371 -36.34 -21.83 -7.18
CA PRO A 371 -37.71 -21.45 -7.54
C PRO A 371 -38.73 -21.81 -6.47
N ARG A 372 -38.63 -22.98 -5.87
CA ARG A 372 -39.62 -23.39 -4.85
C ARG A 372 -39.50 -22.53 -3.60
N ASP A 373 -38.28 -22.17 -3.20
CA ASP A 373 -38.09 -21.37 -2.00
C ASP A 373 -38.61 -19.95 -2.20
N MET A 374 -38.41 -19.38 -3.39
CA MET A 374 -38.88 -18.02 -3.66
C MET A 374 -40.40 -17.93 -3.61
N LYS A 375 -41.11 -18.93 -4.15
CA LYS A 375 -42.57 -18.92 -4.04
C LYS A 375 -43.02 -19.10 -2.60
N SER A 376 -42.22 -19.78 -1.79
CA SER A 376 -42.55 -20.07 -0.40
C SER A 376 -42.06 -19.00 0.57
N CYS A 377 -41.44 -17.94 0.05
CA CYS A 377 -40.89 -16.85 0.88
C CYS A 377 -39.88 -17.38 1.89
N GLN A 378 -38.85 -18.05 1.36
CA GLN A 378 -37.79 -18.60 2.20
C GLN A 378 -36.54 -18.77 1.34
N PHE A 379 -35.46 -19.15 2.00
CA PHE A 379 -34.19 -19.43 1.34
C PHE A 379 -33.38 -20.35 2.24
N VAL A 380 -32.20 -20.75 1.76
CA VAL A 380 -31.33 -21.68 2.46
C VAL A 380 -30.02 -20.98 2.80
N ALA A 381 -29.61 -21.10 4.07
CA ALA A 381 -28.32 -20.59 4.53
C ALA A 381 -27.45 -21.76 4.97
N VAL A 382 -26.24 -21.85 4.42
CA VAL A 382 -25.31 -22.93 4.70
C VAL A 382 -24.05 -22.33 5.32
N ARG A 383 -23.75 -22.75 6.55
CA ARG A 383 -22.54 -22.29 7.22
C ARG A 383 -21.31 -22.98 6.63
N ARG A 384 -20.24 -22.20 6.48
CA ARG A 384 -19.00 -22.78 5.95
C ARG A 384 -18.25 -23.58 7.02
N ASP A 385 -18.24 -23.09 8.26
CA ASP A 385 -17.42 -23.71 9.30
C ASP A 385 -17.98 -25.06 9.73
N THR A 386 -19.31 -25.23 9.72
CA THR A 386 -19.92 -26.47 10.15
C THR A 386 -20.71 -27.18 9.08
N GLY A 387 -21.06 -26.51 7.98
CA GLY A 387 -21.91 -27.14 6.98
C GLY A 387 -23.37 -27.20 7.35
N GLU A 388 -23.77 -26.55 8.44
CA GLU A 388 -25.17 -26.55 8.87
C GLU A 388 -26.02 -25.77 7.89
N LYS A 389 -27.08 -26.42 7.37
CA LYS A 389 -28.00 -25.80 6.44
C LYS A 389 -29.26 -25.37 7.19
N LEU A 390 -29.60 -24.09 7.11
CA LEU A 390 -30.80 -23.56 7.75
C LEU A 390 -31.73 -22.98 6.70
N THR A 391 -33.03 -23.22 6.87
CA THR A 391 -34.06 -22.60 6.05
C THR A 391 -34.62 -21.41 6.80
N VAL A 392 -34.44 -20.22 6.25
CA VAL A 392 -34.79 -18.97 6.91
C VAL A 392 -35.90 -18.28 6.13
N ALA A 393 -36.82 -17.64 6.84
CA ALA A 393 -37.89 -16.88 6.21
C ALA A 393 -37.32 -15.66 5.48
N GLU A 394 -38.02 -15.25 4.41
CA GLU A 394 -37.51 -14.20 3.54
C GLU A 394 -37.34 -12.88 4.29
N ASN A 395 -38.24 -12.58 5.23
CA ASN A 395 -38.20 -11.30 5.91
C ASN A 395 -37.19 -11.25 7.06
N GLU A 396 -36.61 -12.39 7.45
CA GLU A 396 -35.63 -12.44 8.54
C GLU A 396 -34.20 -12.48 8.02
N ALA A 397 -33.97 -12.08 6.76
CA ALA A 397 -32.67 -12.31 6.14
C ALA A 397 -31.60 -11.39 6.72
N GLU A 398 -31.96 -10.13 6.99
CA GLU A 398 -30.98 -9.19 7.50
C GLU A 398 -30.55 -9.54 8.92
N THR A 399 -31.50 -9.93 9.78
CA THR A 399 -31.16 -10.18 11.17
C THR A 399 -30.56 -11.58 11.37
N LYS A 400 -31.05 -12.57 10.64
CA LYS A 400 -30.58 -13.94 10.85
C LYS A 400 -29.15 -14.11 10.35
N LEU A 401 -28.84 -13.59 9.17
CA LEU A 401 -27.50 -13.74 8.62
C LEU A 401 -26.46 -13.01 9.46
N GLN A 402 -26.77 -11.79 9.90
CA GLN A 402 -25.83 -11.07 10.75
C GLN A 402 -25.59 -11.81 12.06
N ALA A 403 -26.61 -12.52 12.55
CA ALA A 403 -26.45 -13.35 13.73
C ALA A 403 -25.56 -14.55 13.45
N ILE A 404 -25.76 -15.20 12.30
CA ILE A 404 -24.91 -16.33 11.94
C ILE A 404 -23.48 -15.87 11.69
N LEU A 405 -23.32 -14.72 11.03
CA LEU A 405 -21.98 -14.20 10.78
C LEU A 405 -21.24 -13.93 12.09
N GLU A 406 -21.97 -13.44 13.10
CA GLU A 406 -21.35 -13.21 14.39
C GLU A 406 -21.02 -14.52 15.09
N ASP A 407 -21.90 -15.52 14.97
CA ASP A 407 -21.64 -16.80 15.62
C ASP A 407 -20.48 -17.55 14.98
N ILE A 408 -20.31 -17.39 13.67
CA ILE A 408 -19.17 -18.03 13.00
C ILE A 408 -17.86 -17.47 13.56
N GLN A 409 -17.79 -16.14 13.73
CA GLN A 409 -16.59 -15.52 14.26
C GLN A 409 -16.32 -15.97 15.69
N VAL A 410 -17.38 -16.12 16.48
CA VAL A 410 -17.24 -16.50 17.88
C VAL A 410 -16.73 -17.93 18.02
N THR A 411 -17.34 -18.88 17.30
CA THR A 411 -16.94 -20.27 17.44
C THR A 411 -15.55 -20.52 16.87
N LEU A 412 -15.17 -19.82 15.80
CA LEU A 412 -13.82 -19.98 15.27
C LEU A 412 -12.78 -19.61 16.31
N PHE A 413 -13.02 -18.52 17.04
CA PHE A 413 -12.14 -18.13 18.12
C PHE A 413 -12.31 -19.01 19.35
N THR A 414 -13.52 -19.52 19.60
CA THR A 414 -13.73 -20.40 20.73
C THR A 414 -13.03 -21.74 20.52
N ARG A 415 -13.16 -22.31 19.32
CA ARG A 415 -12.50 -23.59 19.04
C ARG A 415 -10.99 -23.43 19.04
N ALA A 416 -10.48 -22.30 18.53
CA ALA A 416 -9.04 -22.08 18.53
C ALA A 416 -8.51 -21.80 19.93
N SER A 417 -9.31 -21.16 20.78
CA SER A 417 -8.89 -20.94 22.17
C SER A 417 -8.83 -22.25 22.94
N GLU A 418 -9.91 -23.04 22.87
CA GLU A 418 -9.90 -24.34 23.55
C GLU A 418 -8.80 -25.24 23.02
N ASP A 419 -8.45 -25.10 21.73
CA ASP A 419 -7.31 -25.84 21.20
C ASP A 419 -6.01 -25.33 21.82
N LEU A 420 -5.91 -24.02 22.06
CA LEU A 420 -4.71 -23.46 22.67
C LEU A 420 -4.61 -23.81 24.15
N LYS A 421 -5.72 -23.72 24.88
CA LYS A 421 -5.67 -24.01 26.32
C LYS A 421 -5.19 -25.42 26.60
N THR A 422 -5.59 -26.38 25.76
CA THR A 422 -5.24 -27.77 26.00
C THR A 422 -3.87 -28.15 25.47
N HIS A 423 -3.23 -27.26 24.70
CA HIS A 423 -1.94 -27.54 24.08
C HIS A 423 -0.79 -26.74 24.67
N MET A 424 -1.07 -25.85 25.63
CA MET A 424 -0.02 -25.09 26.30
C MET A 424 -0.08 -25.43 27.78
N VAL A 425 0.95 -26.11 28.28
CA VAL A 425 0.99 -26.59 29.65
C VAL A 425 2.27 -26.16 30.35
N VAL A 426 2.48 -26.65 31.56
CA VAL A 426 3.64 -26.32 32.37
C VAL A 426 4.44 -27.58 32.65
N ALA A 427 5.75 -27.49 32.53
CA ALA A 427 6.65 -28.58 32.93
C ALA A 427 7.87 -27.96 33.60
N ASN A 428 8.29 -28.59 34.70
CA ASN A 428 9.37 -28.05 35.51
C ASN A 428 10.69 -28.79 35.33
N THR A 429 10.66 -30.02 34.84
CA THR A 429 11.87 -30.80 34.62
C THR A 429 12.11 -31.00 33.13
N MET A 430 13.35 -31.36 32.80
CA MET A 430 13.71 -31.54 31.40
C MET A 430 13.05 -32.76 30.79
N GLU A 431 12.79 -33.80 31.58
CA GLU A 431 12.21 -35.02 31.03
C GLU A 431 10.72 -34.83 30.73
N ASP A 432 10.01 -34.10 31.60
CA ASP A 432 8.60 -33.81 31.30
C ASP A 432 8.48 -32.77 30.20
N PHE A 433 9.41 -31.82 30.14
CA PHE A 433 9.42 -30.86 29.04
C PHE A 433 9.68 -31.57 27.71
N GLN A 434 10.56 -32.58 27.72
CA GLN A 434 10.84 -33.31 26.49
C GLN A 434 9.62 -34.12 26.04
N LYS A 435 9.01 -34.87 26.95
CA LYS A 435 7.91 -35.77 26.58
C LYS A 435 6.70 -34.99 26.08
N ILE A 436 6.33 -33.91 26.78
CA ILE A 436 5.21 -33.09 26.37
C ILE A 436 5.49 -32.43 25.02
N LEU A 437 6.73 -32.00 24.81
CA LEU A 437 7.09 -31.37 23.54
C LEU A 437 6.89 -32.34 22.37
N ASP A 438 7.24 -33.61 22.57
CA ASP A 438 7.11 -34.59 21.51
C ASP A 438 5.66 -35.03 21.27
N SER A 439 4.71 -34.59 22.10
CA SER A 439 3.31 -34.87 21.90
C SER A 439 2.60 -33.81 21.08
N GLY A 440 3.33 -32.80 20.61
CA GLY A 440 2.74 -31.75 19.78
C GLY A 440 2.22 -30.57 20.58
N LYS A 441 2.95 -30.18 21.61
CA LYS A 441 2.51 -29.11 22.50
C LYS A 441 3.65 -28.14 22.73
N ILE A 442 3.28 -26.92 23.15
CA ILE A 442 4.23 -25.91 23.59
C ILE A 442 4.19 -25.85 25.11
N VAL A 443 5.34 -25.60 25.72
CA VAL A 443 5.53 -25.78 27.17
C VAL A 443 6.12 -24.52 27.78
N GLN A 444 5.55 -24.11 28.92
CA GLN A 444 6.11 -23.07 29.76
C GLN A 444 7.00 -23.73 30.81
N ILE A 445 8.30 -23.45 30.77
CA ILE A 445 9.24 -24.07 31.70
C ILE A 445 9.93 -22.99 32.51
N PRO A 446 10.38 -23.30 33.72
CA PRO A 446 11.21 -22.34 34.48
C PRO A 446 12.58 -22.22 33.84
N PHE A 447 12.89 -21.01 33.36
CA PHE A 447 14.07 -20.76 32.54
C PHE A 447 14.97 -19.75 33.22
N CYS A 448 16.27 -20.04 33.24
CA CYS A 448 17.23 -19.10 33.83
C CYS A 448 17.42 -17.85 32.98
N GLY A 449 17.00 -17.90 31.71
CA GLY A 449 17.06 -16.72 30.88
C GLY A 449 18.44 -16.37 30.34
N GLU A 450 19.25 -17.39 30.04
CA GLU A 450 20.57 -17.18 29.46
C GLU A 450 20.62 -17.81 28.08
N ILE A 451 21.50 -17.26 27.24
CA ILE A 451 21.54 -17.67 25.84
C ILE A 451 22.15 -19.05 25.69
N ASP A 452 23.27 -19.32 26.38
CA ASP A 452 23.93 -20.61 26.24
C ASP A 452 23.03 -21.75 26.71
N CYS A 453 22.14 -21.50 27.67
CA CYS A 453 21.20 -22.53 28.11
C CYS A 453 20.09 -22.73 27.09
N GLU A 454 19.62 -21.65 26.47
CA GLU A 454 18.60 -21.77 25.44
C GLU A 454 19.10 -22.56 24.23
N ASP A 455 20.36 -22.34 23.84
CA ASP A 455 20.95 -23.14 22.77
C ASP A 455 21.06 -24.60 23.18
N TRP A 456 21.40 -24.85 24.45
CA TRP A 456 21.44 -26.22 24.95
C TRP A 456 20.07 -26.87 24.84
N ILE A 457 19.01 -26.12 25.14
CA ILE A 457 17.66 -26.66 25.00
C ILE A 457 17.36 -26.97 23.54
N LYS A 458 17.74 -26.06 22.65
CA LYS A 458 17.53 -26.29 21.22
C LYS A 458 18.27 -27.53 20.74
N LYS A 459 19.48 -27.77 21.25
CA LYS A 459 20.26 -28.92 20.78
C LYS A 459 19.77 -30.22 21.39
N THR A 460 19.37 -30.20 22.66
CA THR A 460 18.98 -31.44 23.33
C THR A 460 17.54 -31.83 23.07
N THR A 461 16.65 -30.87 22.84
CA THR A 461 15.29 -31.23 22.47
C THR A 461 15.25 -31.90 21.09
N ALA A 462 16.14 -31.50 20.19
CA ALA A 462 16.22 -32.18 18.90
C ALA A 462 16.91 -33.53 19.02
N ARG A 463 17.87 -33.65 19.93
CA ARG A 463 18.60 -34.90 20.10
C ARG A 463 17.73 -35.98 20.71
N ASP A 464 17.02 -35.66 21.80
CA ASP A 464 16.14 -36.59 22.50
C ASP A 464 14.73 -36.63 21.92
N GLN A 465 14.57 -36.29 20.65
CA GLN A 465 13.24 -36.21 20.05
C GLN A 465 12.74 -37.60 19.65
N ASP A 466 11.44 -37.83 19.87
CA ASP A 466 10.75 -39.05 19.44
C ASP A 466 9.45 -38.63 18.76
N LEU A 467 9.51 -38.43 17.44
CA LEU A 467 8.35 -38.02 16.67
C LEU A 467 7.89 -39.19 15.79
N GLU A 468 6.82 -38.95 15.03
CA GLU A 468 6.29 -39.96 14.13
C GLU A 468 7.33 -40.33 13.07
N PRO A 469 7.24 -41.54 12.51
CA PRO A 469 8.17 -41.90 11.44
C PRO A 469 8.00 -40.99 10.23
N GLY A 470 9.12 -40.38 9.82
CA GLY A 470 9.15 -39.43 8.73
C GLY A 470 9.23 -37.98 9.17
N ALA A 471 8.79 -37.68 10.38
CA ALA A 471 8.84 -36.32 10.89
C ALA A 471 10.30 -35.91 11.06
N PRO A 472 10.69 -34.75 10.57
CA PRO A 472 12.11 -34.35 10.63
C PRO A 472 12.50 -33.90 12.03
N SER A 473 13.81 -33.84 12.23
CA SER A 473 14.36 -33.39 13.52
C SER A 473 14.18 -31.89 13.68
N MET A 474 13.56 -31.48 14.78
CA MET A 474 13.33 -30.07 15.06
C MET A 474 13.37 -29.84 16.56
N GLY A 475 14.36 -29.08 17.03
CA GLY A 475 14.46 -28.73 18.44
C GLY A 475 13.59 -27.55 18.83
N ALA A 476 13.27 -27.47 20.11
CA ALA A 476 12.45 -26.37 20.61
C ALA A 476 13.29 -25.11 20.80
N LYS A 477 12.69 -23.96 20.51
CA LYS A 477 13.32 -22.67 20.72
C LYS A 477 12.44 -21.82 21.62
N SER A 478 12.97 -20.66 22.01
CA SER A 478 12.20 -19.73 22.82
C SER A 478 11.10 -19.09 21.99
N LEU A 479 9.93 -18.92 22.61
CA LEU A 479 8.80 -18.24 21.99
C LEU A 479 8.55 -16.89 22.63
N CYS A 480 8.28 -16.84 23.93
CA CYS A 480 8.14 -15.57 24.64
C CYS A 480 8.18 -15.85 26.14
N ILE A 481 8.39 -14.77 26.91
CA ILE A 481 8.21 -14.80 28.36
C ILE A 481 6.86 -14.18 28.64
N PRO A 482 5.83 -14.98 28.93
CA PRO A 482 4.46 -14.46 28.96
C PRO A 482 4.28 -13.41 30.06
N PHE A 483 3.53 -12.36 29.73
CA PHE A 483 3.21 -11.33 30.71
C PHE A 483 2.45 -11.93 31.89
N LYS A 484 1.56 -12.87 31.62
CA LYS A 484 0.79 -13.57 32.66
C LYS A 484 0.98 -15.07 32.44
N PRO A 485 1.98 -15.67 33.07
CA PRO A 485 2.23 -17.11 32.89
C PRO A 485 1.15 -17.94 33.57
N LEU A 486 1.21 -19.25 33.31
CA LEU A 486 0.19 -20.15 33.82
C LEU A 486 0.32 -20.36 35.33
N CYS A 487 1.55 -20.49 35.82
CA CYS A 487 1.78 -20.73 37.23
C CYS A 487 2.89 -19.80 37.72
N GLU A 488 2.81 -19.44 39.00
CA GLU A 488 3.81 -18.59 39.62
C GLU A 488 5.08 -19.39 39.90
N LEU A 489 6.23 -18.74 39.74
CA LEU A 489 7.52 -19.39 39.97
C LEU A 489 7.80 -19.43 41.47
N GLN A 490 7.84 -20.63 42.04
CA GLN A 490 8.11 -20.76 43.47
C GLN A 490 9.52 -20.25 43.76
N PRO A 491 9.72 -19.57 44.90
CA PRO A 491 11.05 -19.00 45.19
C PRO A 491 12.12 -20.07 45.25
N GLY A 492 13.28 -19.77 44.68
CA GLY A 492 14.40 -20.67 44.67
C GLY A 492 14.34 -21.78 43.64
N ALA A 493 13.27 -21.83 42.82
CA ALA A 493 13.14 -22.88 41.83
C ALA A 493 14.22 -22.74 40.77
N LYS A 494 14.93 -23.84 40.52
CA LYS A 494 16.02 -23.82 39.56
C LYS A 494 15.49 -23.97 38.15
N CYS A 495 16.32 -23.56 37.19
CA CYS A 495 16.00 -23.71 35.78
C CYS A 495 15.98 -25.18 35.39
N VAL A 496 15.47 -25.46 34.18
CA VAL A 496 15.40 -26.83 33.71
C VAL A 496 16.77 -27.44 33.45
N CYS A 497 17.83 -26.63 33.46
CA CYS A 497 19.19 -27.12 33.33
C CYS A 497 19.79 -27.54 34.66
N GLY A 498 19.29 -27.01 35.77
CA GLY A 498 19.76 -27.38 37.09
C GLY A 498 21.03 -26.69 37.54
N LYS A 499 21.60 -25.79 36.73
CA LYS A 499 22.85 -25.13 37.06
C LYS A 499 22.69 -23.64 37.38
N ASN A 500 21.58 -23.03 37.01
CA ASN A 500 21.34 -21.62 37.28
C ASN A 500 19.95 -21.43 37.87
N PRO A 501 19.78 -20.44 38.75
CA PRO A 501 18.44 -20.14 39.26
C PRO A 501 17.54 -19.62 38.16
N ALA A 502 16.28 -20.05 38.20
CA ALA A 502 15.31 -19.66 37.19
C ALA A 502 14.84 -18.23 37.42
N LYS A 503 14.75 -17.46 36.34
CA LYS A 503 14.30 -16.07 36.42
C LYS A 503 12.83 -15.88 36.10
N TYR A 504 12.24 -16.75 35.28
CA TYR A 504 10.86 -16.59 34.86
C TYR A 504 10.42 -17.86 34.13
N TYR A 505 9.11 -18.06 34.08
CA TYR A 505 8.52 -19.07 33.21
C TYR A 505 8.58 -18.57 31.76
N THR A 506 9.22 -19.36 30.90
CA THR A 506 9.38 -19.01 29.49
C THR A 506 8.65 -20.04 28.64
N LEU A 507 7.87 -19.57 27.67
CA LEU A 507 7.15 -20.44 26.75
C LEU A 507 8.11 -20.95 25.68
N PHE A 508 8.19 -22.27 25.55
CA PHE A 508 9.08 -22.93 24.59
C PHE A 508 8.26 -23.80 23.65
N GLY A 509 8.92 -24.36 22.65
CA GLY A 509 8.26 -25.21 21.69
C GLY A 509 8.87 -25.08 20.32
N ARG A 510 8.44 -25.96 19.43
CA ARG A 510 8.86 -25.90 18.04
C ARG A 510 8.13 -24.77 17.32
N SER A 511 8.84 -24.06 16.46
CA SER A 511 8.35 -22.82 15.90
C SER A 511 8.56 -22.78 14.39
N TYR A 512 7.85 -21.87 13.74
CA TYR A 512 8.02 -21.61 12.32
C TYR A 512 9.10 -20.57 12.09
N GLY B 15 9.49 30.81 6.40
CA GLY B 15 9.29 31.58 5.17
C GLY B 15 10.11 31.06 4.00
N LEU B 16 9.60 31.24 2.79
CA LEU B 16 10.25 30.80 1.58
C LEU B 16 11.18 31.89 1.06
N GLU B 17 12.41 31.49 0.70
CA GLU B 17 13.41 32.46 0.25
C GLU B 17 13.32 32.71 -1.25
N ALA B 18 13.26 31.63 -2.04
CA ALA B 18 13.30 31.76 -3.50
C ALA B 18 11.93 32.16 -4.05
N LYS B 19 11.93 32.55 -5.32
CA LYS B 19 10.72 32.94 -6.03
C LYS B 19 10.52 32.07 -7.27
N LYS B 20 9.26 31.75 -7.54
CA LYS B 20 8.94 30.86 -8.66
C LYS B 20 9.38 31.44 -10.00
N GLU B 21 9.35 32.77 -10.13
CA GLU B 21 9.67 33.40 -11.41
C GLU B 21 11.16 33.39 -11.70
N GLU B 22 11.99 33.43 -10.66
CA GLU B 22 13.44 33.47 -10.85
C GLU B 22 14.01 32.07 -11.00
N ASN B 23 14.46 31.47 -9.89
CA ASN B 23 15.04 30.13 -9.90
C ASN B 23 13.94 29.15 -9.52
N LEU B 24 13.31 28.55 -10.53
CA LEU B 24 12.25 27.57 -10.26
C LEU B 24 12.79 26.34 -9.55
N ALA B 25 14.04 25.95 -9.84
CA ALA B 25 14.61 24.75 -9.23
C ALA B 25 14.73 24.91 -7.72
N ASP B 26 15.33 26.01 -7.27
CA ASP B 26 15.49 26.24 -5.84
C ASP B 26 14.17 26.59 -5.18
N TRP B 27 13.26 27.24 -5.89
CA TRP B 27 11.93 27.47 -5.35
C TRP B 27 11.20 26.16 -5.10
N TYR B 28 11.34 25.21 -6.03
CA TYR B 28 10.67 23.93 -5.89
C TYR B 28 11.27 23.12 -4.74
N SER B 29 12.60 23.15 -4.61
CA SER B 29 13.25 22.44 -3.52
C SER B 29 12.82 22.98 -2.16
N GLN B 30 12.52 24.27 -2.08
CA GLN B 30 12.17 24.86 -0.80
C GLN B 30 10.68 24.70 -0.51
N VAL B 31 9.84 24.62 -1.53
CA VAL B 31 8.42 24.36 -1.31
C VAL B 31 8.21 22.96 -0.74
N ILE B 32 8.78 21.95 -1.39
CA ILE B 32 8.50 20.58 -0.98
C ILE B 32 9.07 20.27 0.40
N THR B 33 10.16 20.95 0.79
CA THR B 33 10.76 20.68 2.09
C THR B 33 10.08 21.47 3.20
N LYS B 34 9.83 22.76 2.96
CA LYS B 34 9.18 23.59 3.97
C LYS B 34 7.70 23.30 4.13
N SER B 35 7.04 22.76 3.10
CA SER B 35 5.70 22.21 3.31
C SER B 35 5.74 20.84 3.97
N GLU B 36 6.93 20.32 4.25
CA GLU B 36 7.11 19.02 4.89
C GLU B 36 6.52 17.91 4.03
N MET B 37 6.71 18.02 2.71
CA MET B 37 6.32 16.94 1.81
C MET B 37 7.47 15.98 1.55
N ILE B 38 8.68 16.53 1.36
CA ILE B 38 9.84 15.77 0.88
C ILE B 38 10.99 15.95 1.85
N GLU B 39 11.69 14.84 2.14
CA GLU B 39 12.99 14.88 2.78
C GLU B 39 14.00 14.18 1.88
N TYR B 40 15.25 14.64 1.91
CA TYR B 40 16.28 14.12 1.04
C TYR B 40 16.96 12.90 1.64
N HIS B 41 17.63 12.12 0.78
CA HIS B 41 18.17 10.82 1.11
C HIS B 41 19.56 10.69 0.52
N ASP B 42 20.42 9.93 1.18
CA ASP B 42 21.81 9.82 0.75
C ASP B 42 22.00 8.95 -0.49
N ILE B 43 20.93 8.36 -1.02
CA ILE B 43 20.95 7.66 -2.29
C ILE B 43 20.33 8.56 -3.34
N SER B 44 21.14 8.95 -4.33
CA SER B 44 20.71 9.92 -5.32
C SER B 44 19.46 9.43 -6.06
N GLY B 45 18.44 10.29 -6.12
CA GLY B 45 17.23 10.01 -6.84
C GLY B 45 16.11 9.42 -6.02
N CYS B 46 16.33 9.18 -4.72
CA CYS B 46 15.32 8.63 -3.83
C CYS B 46 14.95 9.69 -2.81
N TYR B 47 13.65 9.91 -2.63
CA TYR B 47 13.17 10.99 -1.78
C TYR B 47 12.16 10.44 -0.79
N ILE B 48 12.18 10.98 0.42
CA ILE B 48 11.25 10.56 1.46
C ILE B 48 9.91 11.25 1.23
N LEU B 49 8.82 10.47 1.27
CA LEU B 49 7.47 11.00 1.22
C LEU B 49 6.96 11.16 2.64
N ARG B 50 6.95 12.40 3.12
CA ARG B 50 6.50 12.65 4.48
C ARG B 50 4.97 12.67 4.52
N PRO B 51 4.37 12.59 5.73
CA PRO B 51 2.90 12.47 5.81
C PRO B 51 2.12 13.48 4.99
N TRP B 52 2.59 14.73 4.89
CA TRP B 52 1.82 15.72 4.14
C TRP B 52 1.77 15.39 2.66
N ALA B 53 2.83 14.79 2.13
CA ALA B 53 2.82 14.36 0.74
C ALA B 53 2.06 13.04 0.58
N TYR B 54 2.30 12.09 1.48
CA TYR B 54 1.65 10.79 1.35
C TYR B 54 0.14 10.90 1.48
N ALA B 55 -0.36 11.88 2.23
CA ALA B 55 -1.80 12.05 2.35
C ALA B 55 -2.43 12.47 1.02
N ILE B 56 -1.68 13.20 0.19
CA ILE B 56 -2.17 13.51 -1.15
C ILE B 56 -2.29 12.24 -1.97
N TRP B 57 -1.25 11.41 -1.94
CA TRP B 57 -1.26 10.15 -2.65
C TRP B 57 -2.41 9.26 -2.18
N GLU B 58 -2.73 9.28 -0.88
CA GLU B 58 -3.86 8.50 -0.40
C GLU B 58 -5.18 9.04 -0.92
N ALA B 59 -5.31 10.36 -1.04
CA ALA B 59 -6.52 10.94 -1.61
C ALA B 59 -6.68 10.53 -3.07
N ILE B 60 -5.58 10.53 -3.82
CA ILE B 60 -5.61 10.04 -5.19
C ILE B 60 -5.95 8.57 -5.22
N LYS B 61 -5.41 7.81 -4.25
CA LYS B 61 -5.62 6.36 -4.25
C LYS B 61 -7.07 6.01 -3.98
N ASP B 62 -7.69 6.66 -2.99
CA ASP B 62 -9.04 6.27 -2.62
C ASP B 62 -10.03 6.61 -3.72
N PHE B 63 -9.78 7.70 -4.45
CA PHE B 63 -10.64 8.01 -5.60
C PHE B 63 -10.43 7.01 -6.72
N PHE B 64 -9.18 6.83 -7.16
CA PHE B 64 -8.92 5.99 -8.31
C PHE B 64 -9.29 4.53 -8.02
N ASP B 65 -8.97 4.05 -6.82
CA ASP B 65 -9.36 2.69 -6.47
C ASP B 65 -10.85 2.49 -6.55
N ALA B 66 -11.62 3.47 -6.06
CA ALA B 66 -13.08 3.36 -6.11
C ALA B 66 -13.59 3.30 -7.54
N GLU B 67 -12.93 3.99 -8.47
CA GLU B 67 -13.41 4.02 -9.84
C GLU B 67 -13.10 2.73 -10.59
N ILE B 68 -11.94 2.12 -10.33
CA ILE B 68 -11.60 0.90 -11.06
C ILE B 68 -12.35 -0.30 -10.49
N LYS B 69 -12.72 -0.26 -9.20
CA LYS B 69 -13.59 -1.30 -8.67
C LYS B 69 -14.91 -1.35 -9.42
N LYS B 70 -15.42 -0.20 -9.88
CA LYS B 70 -16.67 -0.21 -10.66
C LYS B 70 -16.48 -0.88 -12.01
N LEU B 71 -15.25 -1.00 -12.48
CA LEU B 71 -14.93 -1.60 -13.75
C LEU B 71 -14.60 -3.09 -13.63
N GLY B 72 -14.73 -3.67 -12.43
CA GLY B 72 -14.35 -5.04 -12.18
C GLY B 72 -12.87 -5.30 -12.00
N VAL B 73 -12.07 -4.28 -11.73
CA VAL B 73 -10.64 -4.42 -11.46
C VAL B 73 -10.44 -4.71 -9.97
N GLU B 74 -9.58 -5.69 -9.67
CA GLU B 74 -9.31 -6.11 -8.30
C GLU B 74 -7.85 -5.84 -7.93
N ASN B 75 -7.61 -5.55 -6.65
CA ASN B 75 -6.28 -5.25 -6.19
C ASN B 75 -5.55 -6.52 -5.76
N CYS B 76 -4.24 -6.52 -5.98
CA CYS B 76 -3.40 -7.66 -5.64
C CYS B 76 -1.98 -7.16 -5.38
N TYR B 77 -1.03 -8.07 -5.27
CA TYR B 77 0.37 -7.67 -5.14
C TYR B 77 1.25 -8.80 -5.67
N PHE B 78 2.02 -8.52 -6.74
CA PHE B 78 2.97 -9.45 -7.36
C PHE B 78 4.38 -9.19 -6.85
N PRO B 79 5.27 -10.20 -6.93
CA PRO B 79 6.63 -10.01 -6.42
C PRO B 79 7.39 -8.90 -7.16
N MET B 80 8.30 -8.26 -6.43
CA MET B 80 9.15 -7.21 -6.96
C MET B 80 10.30 -7.76 -7.80
N PHE B 81 10.74 -8.99 -7.53
CA PHE B 81 11.90 -9.55 -8.22
C PHE B 81 11.44 -10.31 -9.47
N VAL B 82 12.15 -10.11 -10.57
CA VAL B 82 11.86 -10.76 -11.83
C VAL B 82 13.11 -11.46 -12.32
N SER B 83 12.94 -12.64 -12.88
CA SER B 83 14.07 -13.44 -13.36
C SER B 83 14.61 -12.87 -14.67
N GLN B 84 15.82 -13.30 -15.03
CA GLN B 84 16.38 -12.92 -16.32
C GLN B 84 15.54 -13.46 -17.47
N SER B 85 15.11 -14.71 -17.37
CA SER B 85 14.36 -15.32 -18.47
C SER B 85 13.01 -14.65 -18.66
N ALA B 86 12.28 -14.38 -17.58
CA ALA B 86 10.99 -13.74 -17.72
C ALA B 86 11.12 -12.32 -18.26
N LEU B 87 12.20 -11.61 -17.88
CA LEU B 87 12.35 -10.23 -18.30
C LEU B 87 12.61 -10.14 -19.79
N GLU B 88 13.35 -11.11 -20.33
CA GLU B 88 13.80 -11.09 -21.72
C GLU B 88 12.86 -11.84 -22.67
N LYS B 89 11.64 -12.16 -22.23
CA LYS B 89 10.71 -12.89 -23.09
C LYS B 89 10.23 -12.02 -24.25
N GLU B 90 9.79 -10.80 -23.93
CA GLU B 90 9.42 -9.81 -24.94
C GLU B 90 10.65 -8.99 -25.29
N LYS B 91 11.06 -9.04 -26.56
CA LYS B 91 12.35 -8.48 -26.95
C LYS B 91 12.32 -6.95 -27.03
N THR B 92 11.24 -6.38 -27.58
CA THR B 92 11.15 -4.93 -27.67
C THR B 92 10.99 -4.30 -26.30
N HIS B 93 10.27 -4.96 -25.38
CA HIS B 93 10.04 -4.42 -24.05
C HIS B 93 11.31 -4.38 -23.23
N VAL B 94 12.08 -5.48 -23.23
CA VAL B 94 13.31 -5.53 -22.48
C VAL B 94 14.38 -4.63 -23.08
N ALA B 95 14.29 -4.34 -24.39
CA ALA B 95 15.32 -3.52 -25.03
C ALA B 95 15.25 -2.08 -24.55
N ASP B 96 14.05 -1.56 -24.30
CA ASP B 96 13.89 -0.17 -23.90
C ASP B 96 14.18 0.02 -22.41
N PHE B 97 13.93 -0.99 -21.58
CA PHE B 97 14.10 -0.89 -20.14
C PHE B 97 15.44 -1.41 -19.63
N ALA B 98 16.18 -2.16 -20.44
CA ALA B 98 17.41 -2.80 -19.97
C ALA B 98 18.38 -1.86 -19.26
N PRO B 99 18.70 -0.67 -19.78
CA PRO B 99 19.72 0.16 -19.08
C PRO B 99 19.29 0.62 -17.70
N GLU B 100 17.99 0.73 -17.44
CA GLU B 100 17.50 1.34 -16.21
C GLU B 100 16.97 0.31 -15.22
N VAL B 101 17.38 -0.96 -15.35
CA VAL B 101 16.98 -2.01 -14.42
C VAL B 101 18.10 -2.23 -13.41
N ALA B 102 17.76 -2.18 -12.13
CA ALA B 102 18.69 -2.47 -11.04
C ALA B 102 18.70 -3.98 -10.77
N TRP B 103 19.89 -4.54 -10.62
CA TRP B 103 20.08 -5.98 -10.52
C TRP B 103 20.63 -6.35 -9.15
N VAL B 104 19.95 -7.28 -8.48
CA VAL B 104 20.43 -7.86 -7.23
C VAL B 104 21.32 -9.04 -7.59
N THR B 105 22.55 -9.03 -7.09
CA THR B 105 23.49 -10.10 -7.38
C THR B 105 24.06 -10.75 -6.14
N ARG B 106 23.69 -10.28 -4.95
CA ARG B 106 24.34 -10.70 -3.72
C ARG B 106 23.32 -10.82 -2.59
N SER B 107 23.37 -11.95 -1.89
CA SER B 107 22.65 -12.14 -0.64
C SER B 107 23.68 -12.03 0.47
N GLY B 108 23.78 -10.85 1.07
CA GLY B 108 24.85 -10.61 2.01
C GLY B 108 26.19 -10.56 1.30
N LYS B 109 27.00 -11.60 1.49
CA LYS B 109 28.29 -11.69 0.83
C LYS B 109 28.38 -12.85 -0.16
N THR B 110 27.32 -13.64 -0.30
CA THR B 110 27.30 -14.76 -1.22
C THR B 110 26.58 -14.35 -2.50
N GLU B 111 27.23 -14.56 -3.64
CA GLU B 111 26.65 -14.15 -4.92
C GLU B 111 25.61 -15.16 -5.40
N LEU B 112 24.48 -14.65 -5.86
CA LEU B 112 23.46 -15.53 -6.44
C LEU B 112 24.00 -16.19 -7.70
N ALA B 113 23.55 -17.43 -7.92
CA ALA B 113 23.96 -18.14 -9.14
C ALA B 113 23.54 -17.39 -10.40
N GLU B 114 22.42 -16.66 -10.31
CA GLU B 114 21.94 -15.84 -11.41
C GLU B 114 21.39 -14.56 -10.79
N PRO B 115 21.72 -13.39 -11.34
CA PRO B 115 21.17 -12.15 -10.80
C PRO B 115 19.68 -12.04 -11.08
N ILE B 116 18.96 -11.45 -10.14
CA ILE B 116 17.54 -11.16 -10.28
C ILE B 116 17.38 -9.65 -10.33
N ALA B 117 16.30 -9.22 -10.99
CA ALA B 117 16.12 -7.81 -11.30
C ALA B 117 14.95 -7.23 -10.51
N ILE B 118 15.09 -5.98 -10.10
CA ILE B 118 13.98 -5.25 -9.51
C ILE B 118 13.07 -4.78 -10.62
N ARG B 119 11.77 -4.97 -10.44
CA ARG B 119 10.78 -4.58 -11.45
C ARG B 119 10.87 -3.10 -11.79
N PRO B 120 11.06 -2.75 -13.07
CA PRO B 120 10.81 -1.37 -13.50
C PRO B 120 9.36 -1.19 -13.92
N THR B 121 8.70 -2.33 -14.13
CA THR B 121 7.30 -2.49 -14.50
C THR B 121 7.02 -3.99 -14.47
N SER B 122 5.77 -4.36 -14.19
CA SER B 122 5.47 -5.73 -13.79
C SER B 122 4.86 -6.59 -14.91
N GLU B 123 4.98 -6.16 -16.17
CA GLU B 123 4.46 -6.98 -17.28
C GLU B 123 5.05 -8.39 -17.25
N THR B 124 6.39 -8.49 -17.23
CA THR B 124 7.07 -9.77 -17.25
C THR B 124 6.93 -10.57 -15.95
N VAL B 125 6.40 -9.96 -14.89
CA VAL B 125 6.17 -10.66 -13.62
C VAL B 125 4.80 -11.30 -13.59
N MET B 126 3.76 -10.57 -14.02
CA MET B 126 2.38 -11.01 -13.92
C MET B 126 1.95 -11.95 -15.03
N TYR B 127 2.44 -11.75 -16.24
CA TYR B 127 1.90 -12.44 -17.41
C TYR B 127 2.21 -13.93 -17.42
N PRO B 128 3.36 -14.40 -16.89
CA PRO B 128 3.49 -15.86 -16.69
C PRO B 128 2.36 -16.42 -15.83
N ALA B 129 1.90 -15.67 -14.82
CA ALA B 129 0.77 -16.13 -14.02
C ALA B 129 -0.55 -15.98 -14.75
N TYR B 130 -0.65 -15.00 -15.65
CA TYR B 130 -1.85 -14.89 -16.48
C TYR B 130 -2.03 -16.13 -17.35
N ALA B 131 -0.94 -16.64 -17.91
CA ALA B 131 -1.03 -17.81 -18.78
C ALA B 131 -1.55 -19.02 -18.02
N LYS B 132 -1.13 -19.20 -16.76
CA LYS B 132 -1.62 -20.35 -16.00
C LYS B 132 -3.08 -20.19 -15.64
N TRP B 133 -3.54 -18.95 -15.43
CA TRP B 133 -4.92 -18.73 -15.02
C TRP B 133 -5.89 -18.79 -16.19
N VAL B 134 -5.43 -18.57 -17.41
CA VAL B 134 -6.30 -18.55 -18.60
C VAL B 134 -6.16 -19.91 -19.28
N GLN B 135 -7.06 -20.82 -18.93
CA GLN B 135 -7.13 -22.13 -19.56
C GLN B 135 -8.28 -22.28 -20.53
N SER B 136 -9.33 -21.47 -20.39
CA SER B 136 -10.49 -21.54 -21.26
C SER B 136 -11.05 -20.14 -21.45
N HIS B 137 -12.12 -20.05 -22.24
CA HIS B 137 -12.81 -18.79 -22.47
C HIS B 137 -13.41 -18.22 -21.18
N ARG B 138 -13.79 -19.09 -20.23
CA ARG B 138 -14.37 -18.65 -18.97
C ARG B 138 -13.42 -17.80 -18.14
N ASP B 139 -12.10 -17.96 -18.30
CA ASP B 139 -11.11 -17.28 -17.47
C ASP B 139 -10.88 -15.83 -17.86
N LEU B 140 -11.48 -15.35 -18.96
CA LEU B 140 -11.31 -13.95 -19.31
C LEU B 140 -12.60 -13.17 -19.08
N PRO B 141 -12.54 -11.87 -18.77
CA PRO B 141 -11.33 -11.06 -18.62
C PRO B 141 -10.65 -11.23 -17.27
N ILE B 142 -9.38 -10.84 -17.22
CA ILE B 142 -8.60 -10.76 -15.99
C ILE B 142 -8.22 -9.31 -15.80
N LYS B 143 -8.71 -8.70 -14.72
CA LYS B 143 -8.47 -7.29 -14.42
C LYS B 143 -7.80 -7.17 -13.05
N LEU B 144 -6.49 -6.91 -13.04
CA LEU B 144 -5.73 -6.82 -11.80
C LEU B 144 -4.98 -5.50 -11.72
N ASN B 145 -4.87 -4.98 -10.49
CA ASN B 145 -4.17 -3.74 -10.21
C ASN B 145 -3.38 -3.88 -8.92
N GLN B 146 -2.22 -3.24 -8.86
CA GLN B 146 -1.46 -3.21 -7.61
C GLN B 146 -0.91 -1.81 -7.37
N TRP B 147 -0.90 -1.43 -6.09
CA TRP B 147 -0.27 -0.20 -5.61
C TRP B 147 1.07 -0.59 -5.01
N CYS B 148 2.16 -0.22 -5.68
CA CYS B 148 3.46 -0.73 -5.26
C CYS B 148 4.55 0.26 -5.63
N ASN B 149 5.77 -0.07 -5.23
CA ASN B 149 6.93 0.71 -5.61
C ASN B 149 7.59 0.09 -6.84
N VAL B 150 8.26 0.92 -7.61
CA VAL B 150 8.95 0.45 -8.80
C VAL B 150 10.25 1.24 -8.94
N VAL B 151 11.25 0.63 -9.58
CA VAL B 151 12.58 1.20 -9.69
C VAL B 151 12.99 1.29 -11.15
N ARG B 152 13.28 2.51 -11.61
CA ARG B 152 13.93 2.75 -12.90
C ARG B 152 15.17 3.60 -12.66
N TRP B 153 16.34 2.98 -12.80
CA TRP B 153 17.58 3.68 -12.47
C TRP B 153 17.92 4.69 -13.55
N GLU B 154 17.41 5.91 -13.41
CA GLU B 154 17.64 6.96 -14.39
C GLU B 154 19.11 7.37 -14.42
N PHE B 155 19.50 7.99 -15.53
CA PHE B 155 20.83 8.56 -15.67
C PHE B 155 20.82 10.09 -15.77
N LYS B 156 19.65 10.70 -15.93
CA LYS B 156 19.51 12.14 -15.93
C LYS B 156 19.34 12.65 -14.50
N HIS B 157 19.53 13.95 -14.33
CA HIS B 157 19.48 14.55 -12.99
C HIS B 157 18.09 14.38 -12.40
N PRO B 158 17.95 13.78 -11.22
CA PRO B 158 16.62 13.55 -10.66
C PRO B 158 16.03 14.79 -10.03
N GLN B 159 14.69 14.83 -9.99
CA GLN B 159 13.94 15.88 -9.35
C GLN B 159 12.81 15.21 -8.59
N PRO B 160 12.54 15.64 -7.35
CA PRO B 160 11.50 14.98 -6.55
C PRO B 160 10.15 14.99 -7.24
N PHE B 161 9.41 13.90 -7.04
CA PHE B 161 8.10 13.66 -7.63
C PHE B 161 8.17 13.46 -9.14
N LEU B 162 8.86 14.37 -9.84
CA LEU B 162 8.78 14.40 -11.30
C LEU B 162 9.53 13.23 -11.93
N ARG B 163 10.80 13.07 -11.58
CA ARG B 163 11.63 11.98 -12.10
C ARG B 163 12.52 11.46 -10.99
N THR B 164 12.18 10.29 -10.44
CA THR B 164 12.90 9.72 -9.31
C THR B 164 13.35 8.29 -9.66
N ARG B 165 14.38 7.82 -8.95
CA ARG B 165 14.88 6.46 -9.18
C ARG B 165 13.87 5.42 -8.70
N GLU B 166 13.19 5.72 -7.59
CA GLU B 166 12.11 4.88 -7.06
C GLU B 166 10.89 5.76 -6.86
N PHE B 167 9.73 5.24 -7.25
CA PHE B 167 8.50 6.00 -7.03
C PHE B 167 7.36 5.03 -6.76
N LEU B 168 6.30 5.56 -6.18
CA LEU B 168 5.08 4.81 -5.98
C LEU B 168 4.17 5.00 -7.20
N TRP B 169 3.36 3.98 -7.49
CA TRP B 169 2.38 4.07 -8.56
C TRP B 169 1.31 3.00 -8.34
N GLN B 170 0.29 3.03 -9.18
CA GLN B 170 -0.57 1.89 -9.43
C GLN B 170 -0.30 1.45 -10.86
N GLU B 171 -0.38 0.15 -11.10
CA GLU B 171 -0.24 -0.38 -12.46
C GLU B 171 -1.34 -1.40 -12.67
N GLY B 172 -2.21 -1.13 -13.63
CA GLY B 172 -3.31 -2.02 -13.98
C GLY B 172 -2.96 -2.83 -15.20
N HIS B 173 -3.24 -4.13 -15.13
CA HIS B 173 -3.01 -5.05 -16.25
C HIS B 173 -4.27 -5.85 -16.50
N SER B 174 -4.80 -5.73 -17.72
CA SER B 174 -6.06 -6.38 -18.07
C SER B 174 -5.90 -7.17 -19.36
N ALA B 175 -6.49 -8.36 -19.37
CA ALA B 175 -6.42 -9.27 -20.50
C ALA B 175 -7.85 -9.59 -20.96
N PHE B 176 -8.11 -9.44 -22.25
CA PHE B 176 -9.46 -9.60 -22.79
C PHE B 176 -9.46 -10.60 -23.95
N ALA B 177 -10.63 -11.19 -24.19
CA ALA B 177 -10.79 -12.13 -25.29
C ALA B 177 -10.84 -11.41 -26.64
N THR B 178 -11.48 -10.26 -26.69
CA THR B 178 -11.66 -9.50 -27.92
C THR B 178 -10.79 -8.24 -27.88
N MET B 179 -10.70 -7.58 -29.04
CA MET B 179 -9.95 -6.34 -29.15
C MET B 179 -10.81 -5.13 -28.83
N GLU B 180 -12.11 -5.18 -29.13
CA GLU B 180 -12.99 -4.08 -28.76
C GLU B 180 -13.05 -3.87 -27.26
N GLU B 181 -12.89 -4.95 -26.48
CA GLU B 181 -12.91 -4.82 -25.02
C GLU B 181 -11.71 -4.02 -24.52
N ALA B 182 -10.50 -4.50 -24.82
CA ALA B 182 -9.29 -3.80 -24.44
C ALA B 182 -9.28 -2.37 -24.97
N ALA B 183 -9.79 -2.15 -26.19
CA ALA B 183 -9.81 -0.78 -26.69
C ALA B 183 -10.75 0.08 -25.88
N GLU B 184 -11.85 -0.48 -25.37
CA GLU B 184 -12.76 0.27 -24.52
C GLU B 184 -12.10 0.67 -23.21
N GLU B 185 -11.33 -0.23 -22.60
CA GLU B 185 -10.76 0.07 -21.29
C GLU B 185 -9.65 1.11 -21.38
N VAL B 186 -8.85 1.06 -22.43
CA VAL B 186 -7.73 2.01 -22.59
C VAL B 186 -8.22 3.44 -22.44
N LEU B 187 -9.31 3.79 -23.13
CA LEU B 187 -9.86 5.13 -23.04
C LEU B 187 -10.64 5.37 -21.76
N GLN B 188 -11.16 4.32 -21.13
CA GLN B 188 -11.82 4.49 -19.85
C GLN B 188 -10.82 4.86 -18.76
N ILE B 189 -9.68 4.16 -18.71
CA ILE B 189 -8.66 4.46 -17.72
C ILE B 189 -8.08 5.85 -17.95
N LEU B 190 -7.76 6.19 -19.21
CA LEU B 190 -7.24 7.52 -19.50
C LEU B 190 -8.21 8.61 -19.08
N ASP B 191 -9.51 8.35 -19.23
CA ASP B 191 -10.51 9.29 -18.73
C ASP B 191 -10.42 9.44 -17.22
N LEU B 192 -10.15 8.35 -16.49
CA LEU B 192 -10.03 8.45 -15.04
C LEU B 192 -8.77 9.22 -14.65
N TYR B 193 -7.68 9.00 -15.39
CA TYR B 193 -6.47 9.80 -15.18
C TYR B 193 -6.75 11.29 -15.40
N ALA B 194 -7.60 11.61 -16.39
CA ALA B 194 -7.97 12.99 -16.60
C ALA B 194 -8.80 13.52 -15.44
N GLN B 195 -9.64 12.66 -14.84
CA GLN B 195 -10.38 13.11 -13.66
C GLN B 195 -9.46 13.36 -12.47
N VAL B 196 -8.42 12.53 -12.32
CA VAL B 196 -7.49 12.72 -11.21
C VAL B 196 -6.81 14.07 -11.31
N TYR B 197 -6.40 14.47 -12.51
CA TYR B 197 -5.69 15.72 -12.68
C TYR B 197 -6.62 16.92 -12.68
N GLU B 198 -7.83 16.78 -13.19
CA GLU B 198 -8.74 17.91 -13.34
C GLU B 198 -9.75 18.02 -12.20
N GLU B 199 -10.41 16.93 -11.85
CA GLU B 199 -11.42 16.98 -10.80
C GLU B 199 -10.81 17.04 -9.41
N LEU B 200 -9.60 16.50 -9.23
CA LEU B 200 -8.95 16.46 -7.93
C LEU B 200 -7.81 17.45 -7.81
N LEU B 201 -6.83 17.41 -8.72
CA LEU B 201 -5.68 18.28 -8.67
C LEU B 201 -5.90 19.61 -9.36
N ALA B 202 -7.04 19.80 -10.02
CA ALA B 202 -7.36 21.05 -10.71
C ALA B 202 -6.29 21.45 -11.72
N ILE B 203 -5.80 20.46 -12.48
CA ILE B 203 -4.79 20.67 -13.50
C ILE B 203 -5.37 20.22 -14.84
N PRO B 204 -5.49 21.11 -15.84
CA PRO B 204 -5.99 20.68 -17.15
C PRO B 204 -4.94 19.83 -17.86
N VAL B 205 -5.42 18.84 -18.62
CA VAL B 205 -4.55 17.94 -19.35
C VAL B 205 -5.03 17.83 -20.79
N VAL B 206 -4.13 17.37 -21.65
CA VAL B 206 -4.42 17.15 -23.06
C VAL B 206 -4.34 15.65 -23.32
N LYS B 207 -5.49 15.04 -23.60
CA LYS B 207 -5.50 13.63 -23.95
C LYS B 207 -4.92 13.46 -25.35
N GLY B 208 -4.09 12.45 -25.52
CA GLY B 208 -3.45 12.27 -26.80
C GLY B 208 -2.92 10.87 -27.00
N ARG B 209 -2.19 10.70 -28.10
CA ARG B 209 -1.67 9.42 -28.52
C ARG B 209 -0.18 9.56 -28.77
N LYS B 210 0.63 8.71 -28.13
CA LYS B 210 2.06 8.75 -28.35
C LYS B 210 2.41 8.35 -29.78
N THR B 211 3.51 8.91 -30.28
CA THR B 211 4.02 8.57 -31.60
C THR B 211 4.81 7.27 -31.53
N GLU B 212 5.27 6.81 -32.69
CA GLU B 212 5.97 5.53 -32.77
C GLU B 212 7.25 5.57 -31.96
N LYS B 213 7.96 6.70 -31.98
CA LYS B 213 9.20 6.83 -31.22
C LYS B 213 8.93 6.81 -29.71
N GLU B 214 7.83 7.41 -29.27
CA GLU B 214 7.53 7.61 -27.86
C GLU B 214 6.57 6.59 -27.27
N LYS B 215 6.00 5.69 -28.08
CA LYS B 215 5.02 4.76 -27.55
C LYS B 215 5.69 3.73 -26.64
N PHE B 216 4.88 3.08 -25.81
CA PHE B 216 5.37 2.06 -24.89
C PHE B 216 5.95 0.87 -25.66
N ALA B 217 7.21 0.53 -25.36
CA ALA B 217 7.86 -0.59 -26.03
C ALA B 217 7.19 -1.90 -25.63
N GLY B 218 6.71 -2.65 -26.62
CA GLY B 218 5.96 -3.87 -26.37
C GLY B 218 4.46 -3.74 -26.57
N GLY B 219 3.96 -2.54 -26.87
CA GLY B 219 2.56 -2.34 -27.15
C GLY B 219 2.31 -1.90 -28.58
N ASP B 220 1.03 -1.74 -28.90
CA ASP B 220 0.65 -1.26 -30.23
C ASP B 220 0.47 0.25 -30.26
N TYR B 221 -0.21 0.81 -29.26
CA TYR B 221 -0.33 2.26 -29.14
C TYR B 221 -0.42 2.64 -27.68
N THR B 222 -0.14 3.92 -27.41
CA THR B 222 -0.14 4.44 -26.06
C THR B 222 -0.96 5.73 -26.03
N THR B 223 -1.95 5.77 -25.15
CA THR B 223 -2.71 6.99 -24.89
C THR B 223 -2.17 7.62 -23.61
N THR B 224 -2.03 8.95 -23.62
CA THR B 224 -1.41 9.64 -22.52
C THR B 224 -2.14 10.95 -22.27
N ILE B 225 -1.94 11.49 -21.06
CA ILE B 225 -2.38 12.83 -20.71
C ILE B 225 -1.13 13.66 -20.43
N GLU B 226 -1.05 14.84 -21.06
CA GLU B 226 0.12 15.70 -20.95
C GLU B 226 -0.28 16.99 -20.26
N ALA B 227 0.38 17.31 -19.15
CA ALA B 227 0.16 18.55 -18.42
C ALA B 227 1.30 19.51 -18.69
N PHE B 228 1.04 20.81 -18.48
CA PHE B 228 1.99 21.85 -18.83
C PHE B 228 2.39 22.64 -17.58
N ILE B 229 3.70 22.83 -17.39
CA ILE B 229 4.23 23.65 -16.31
C ILE B 229 4.52 25.04 -16.86
N SER B 230 3.67 26.01 -16.55
CA SER B 230 3.82 27.33 -17.16
C SER B 230 5.07 28.03 -16.67
N ALA B 231 5.49 27.77 -15.43
CA ALA B 231 6.65 28.46 -14.86
C ALA B 231 7.93 28.12 -15.60
N SER B 232 8.05 26.89 -16.10
CA SER B 232 9.23 26.45 -16.84
C SER B 232 9.00 26.31 -18.32
N GLY B 233 7.76 26.43 -18.79
CA GLY B 233 7.48 26.25 -20.20
C GLY B 233 7.64 24.85 -20.72
N ARG B 234 7.82 23.87 -19.83
CA ARG B 234 7.99 22.47 -20.22
C ARG B 234 6.74 21.69 -19.82
N ALA B 235 6.23 20.88 -20.74
CA ALA B 235 5.11 19.99 -20.45
C ALA B 235 5.59 18.70 -19.80
N ILE B 236 4.63 17.92 -19.29
CA ILE B 236 4.95 16.71 -18.55
C ILE B 236 3.81 15.71 -18.72
N GLN B 237 4.16 14.43 -18.74
CA GLN B 237 3.19 13.35 -18.90
C GLN B 237 2.58 13.01 -17.55
N GLY B 238 1.26 13.11 -17.46
CA GLY B 238 0.56 12.84 -16.22
C GLY B 238 0.18 11.38 -16.02
N GLY B 239 0.08 10.62 -17.10
CA GLY B 239 -0.32 9.24 -17.00
C GLY B 239 -0.41 8.63 -18.38
N THR B 240 -0.44 7.31 -18.41
CA THR B 240 -0.49 6.58 -19.67
C THR B 240 -1.39 5.37 -19.52
N SER B 241 -2.07 5.03 -20.62
CA SER B 241 -2.86 3.82 -20.74
C SER B 241 -2.47 3.18 -22.06
N HIS B 242 -1.84 2.02 -22.01
CA HIS B 242 -1.30 1.38 -23.19
C HIS B 242 -2.22 0.24 -23.65
N HIS B 243 -2.31 0.06 -24.96
CA HIS B 243 -2.90 -1.13 -25.53
C HIS B 243 -1.74 -2.02 -25.96
N LEU B 244 -1.53 -3.11 -25.24
CA LEU B 244 -0.44 -4.03 -25.56
C LEU B 244 -0.82 -5.00 -26.67
N GLY B 245 -2.11 -5.11 -26.97
CA GLY B 245 -2.54 -6.01 -28.02
C GLY B 245 -2.19 -7.44 -27.69
N GLN B 246 -1.49 -8.08 -28.61
CA GLN B 246 -1.06 -9.47 -28.46
C GLN B 246 0.46 -9.61 -28.38
N ASN B 247 1.19 -8.50 -28.32
CA ASN B 247 2.64 -8.59 -28.31
C ASN B 247 3.15 -9.38 -27.11
N PHE B 248 2.46 -9.30 -25.97
CA PHE B 248 2.92 -9.99 -24.77
C PHE B 248 2.30 -11.37 -24.63
N SER B 249 1.02 -11.51 -24.98
CA SER B 249 0.36 -12.80 -24.88
C SER B 249 0.93 -13.80 -25.87
N LYS B 250 1.50 -13.32 -26.99
CA LYS B 250 2.20 -14.21 -27.89
C LYS B 250 3.57 -14.62 -27.38
N MET B 251 4.11 -13.89 -26.40
CA MET B 251 5.39 -14.23 -25.80
C MET B 251 5.27 -15.05 -24.53
N PHE B 252 4.22 -14.84 -23.74
CA PHE B 252 4.03 -15.57 -22.49
C PHE B 252 2.95 -16.66 -22.61
N GLU B 253 2.47 -16.93 -23.81
CA GLU B 253 1.56 -18.06 -24.07
C GLU B 253 0.27 -17.94 -23.27
N ILE B 254 -0.35 -16.76 -23.34
CA ILE B 254 -1.67 -16.53 -22.72
C ILE B 254 -2.70 -16.82 -23.81
N VAL B 255 -3.18 -18.06 -23.84
CA VAL B 255 -3.99 -18.54 -24.95
C VAL B 255 -5.31 -19.08 -24.41
N PHE B 256 -6.25 -19.30 -25.33
CA PHE B 256 -7.51 -19.98 -25.02
C PHE B 256 -8.09 -20.55 -26.31
N GLU B 257 -8.80 -21.67 -26.17
CA GLU B 257 -9.36 -22.35 -27.33
C GLU B 257 -10.40 -21.48 -28.03
N ASP B 258 -10.31 -21.47 -29.36
CA ASP B 258 -11.29 -20.74 -30.16
C ASP B 258 -12.69 -21.31 -29.89
N PRO B 259 -13.66 -20.48 -29.52
CA PRO B 259 -15.00 -21.02 -29.26
C PRO B 259 -15.65 -21.66 -30.47
N LYS B 260 -15.31 -21.19 -31.67
CA LYS B 260 -15.91 -21.68 -32.91
C LYS B 260 -15.05 -22.71 -33.64
N ILE B 261 -13.77 -22.41 -33.83
CA ILE B 261 -12.87 -23.27 -34.60
C ILE B 261 -12.14 -24.18 -33.62
N PRO B 262 -12.40 -25.49 -33.65
CA PRO B 262 -11.65 -26.40 -32.78
C PRO B 262 -10.21 -26.57 -33.28
N GLY B 263 -9.26 -26.49 -32.36
CA GLY B 263 -7.86 -26.62 -32.68
C GLY B 263 -7.11 -25.32 -32.92
N GLU B 264 -7.80 -24.19 -32.94
CA GLU B 264 -7.18 -22.90 -33.19
C GLU B 264 -7.06 -22.13 -31.89
N LYS B 265 -5.86 -21.65 -31.60
CA LYS B 265 -5.65 -20.86 -30.40
C LYS B 265 -5.96 -19.40 -30.68
N GLN B 266 -6.34 -18.69 -29.63
CA GLN B 266 -6.55 -17.25 -29.67
C GLN B 266 -5.65 -16.63 -28.60
N PHE B 267 -4.95 -15.56 -28.97
CA PHE B 267 -4.12 -14.83 -28.02
C PHE B 267 -4.93 -13.69 -27.40
N ALA B 268 -4.77 -13.50 -26.10
CA ALA B 268 -5.53 -12.48 -25.40
C ALA B 268 -5.05 -11.09 -25.79
N TYR B 269 -5.99 -10.14 -25.79
CA TYR B 269 -5.68 -8.73 -25.98
C TYR B 269 -5.46 -8.11 -24.60
N GLN B 270 -4.31 -7.47 -24.41
CA GLN B 270 -3.92 -6.95 -23.11
C GLN B 270 -3.75 -5.44 -23.14
N ASN B 271 -3.95 -4.82 -21.98
CA ASN B 271 -3.64 -3.42 -21.73
C ASN B 271 -2.76 -3.32 -20.49
N SER B 272 -2.15 -2.15 -20.31
CA SER B 272 -1.55 -1.79 -19.03
C SER B 272 -1.67 -0.28 -18.86
N TRP B 273 -1.75 0.16 -17.60
CA TRP B 273 -1.96 1.57 -17.32
C TRP B 273 -1.44 1.92 -15.93
N GLY B 274 -0.76 3.05 -15.85
CA GLY B 274 -0.07 3.43 -14.62
C GLY B 274 -0.20 4.90 -14.34
N LEU B 275 -0.28 5.22 -13.04
CA LEU B 275 -0.27 6.59 -12.53
C LEU B 275 0.65 6.63 -11.33
N THR B 276 1.56 7.60 -11.30
CA THR B 276 2.61 7.68 -10.30
C THR B 276 2.44 8.89 -9.40
N THR B 277 3.29 8.96 -8.37
CA THR B 277 3.34 10.10 -7.45
C THR B 277 3.83 11.39 -8.10
N ARG B 278 4.23 11.36 -9.38
CA ARG B 278 4.51 12.59 -10.12
C ARG B 278 3.34 13.57 -10.06
N THR B 279 2.12 13.05 -9.89
CA THR B 279 0.94 13.89 -9.73
C THR B 279 1.17 15.00 -8.71
N ILE B 280 1.77 14.66 -7.56
CA ILE B 280 1.96 15.64 -6.50
C ILE B 280 2.92 16.75 -6.94
N GLY B 281 3.99 16.39 -7.64
CA GLY B 281 4.92 17.39 -8.13
C GLY B 281 4.31 18.30 -9.18
N VAL B 282 3.49 17.73 -10.07
CA VAL B 282 2.80 18.55 -11.07
C VAL B 282 1.82 19.49 -10.39
N MET B 283 1.14 19.01 -9.35
CA MET B 283 0.30 19.89 -8.53
C MET B 283 1.13 21.01 -7.93
N THR B 284 2.29 20.69 -7.35
CA THR B 284 3.15 21.72 -6.77
C THR B 284 3.60 22.72 -7.83
N MET B 285 4.08 22.24 -8.98
CA MET B 285 4.65 23.12 -9.99
C MET B 285 3.59 24.01 -10.64
N VAL B 286 2.33 23.60 -10.63
CA VAL B 286 1.25 24.34 -11.29
C VAL B 286 0.60 25.34 -10.34
N HIS B 287 0.22 24.90 -9.13
CA HIS B 287 -0.54 25.75 -8.22
C HIS B 287 0.32 26.45 -7.19
N GLY B 288 1.56 26.00 -6.96
CA GLY B 288 2.39 26.60 -5.95
C GLY B 288 2.74 28.05 -6.26
N ASP B 289 2.84 28.86 -5.21
CA ASP B 289 3.18 30.28 -5.32
C ASP B 289 4.35 30.61 -4.40
N ASN B 290 4.74 31.89 -4.39
CA ASN B 290 5.88 32.32 -3.58
C ASN B 290 5.57 32.32 -2.09
N MET B 291 4.33 32.08 -1.70
CA MET B 291 3.97 31.85 -0.30
C MET B 291 4.16 30.40 0.11
N GLY B 292 4.43 29.51 -0.84
CA GLY B 292 4.56 28.09 -0.53
C GLY B 292 3.65 27.18 -1.32
N LEU B 293 3.35 26.00 -0.77
CA LEU B 293 2.48 25.07 -1.43
C LEU B 293 1.05 25.59 -1.44
N VAL B 294 0.28 25.16 -2.43
CA VAL B 294 -1.14 25.49 -2.54
C VAL B 294 -1.88 24.20 -2.83
N LEU B 295 -2.68 23.73 -1.87
CA LEU B 295 -3.38 22.45 -2.04
C LEU B 295 -4.78 22.68 -2.60
N PRO B 296 -5.19 21.96 -3.65
CA PRO B 296 -6.60 21.95 -4.03
C PRO B 296 -7.44 21.33 -2.92
N PRO B 297 -8.60 21.91 -2.62
CA PRO B 297 -9.38 21.42 -1.47
C PRO B 297 -9.80 19.95 -1.57
N ARG B 298 -9.92 19.39 -2.79
CA ARG B 298 -10.39 18.01 -2.91
C ARG B 298 -9.34 16.98 -2.51
N VAL B 299 -8.06 17.32 -2.59
CA VAL B 299 -6.99 16.43 -2.16
C VAL B 299 -6.28 16.96 -0.92
N ALA B 300 -6.77 18.06 -0.34
CA ALA B 300 -6.10 18.64 0.81
C ALA B 300 -6.35 17.79 2.06
N CYS B 301 -5.26 17.28 2.64
CA CYS B 301 -5.34 16.55 3.90
C CYS B 301 -6.11 17.35 4.95
N VAL B 302 -5.79 18.63 5.08
CA VAL B 302 -6.50 19.55 5.96
C VAL B 302 -7.09 20.64 5.08
N GLN B 303 -8.43 20.74 5.06
CA GLN B 303 -9.05 21.75 4.23
C GLN B 303 -9.12 23.09 4.95
N VAL B 304 -9.42 23.07 6.24
CA VAL B 304 -9.53 24.27 7.05
C VAL B 304 -8.70 24.06 8.32
N VAL B 305 -7.92 25.08 8.68
CA VAL B 305 -7.16 25.06 9.93
C VAL B 305 -7.72 26.16 10.82
N ILE B 306 -8.13 25.80 12.02
CA ILE B 306 -8.63 26.75 13.01
C ILE B 306 -7.48 27.17 13.91
N ILE B 307 -7.31 28.48 14.06
CA ILE B 307 -6.20 29.04 14.82
C ILE B 307 -6.75 30.07 15.80
N PRO B 308 -6.49 29.92 17.10
CA PRO B 308 -6.90 30.97 18.05
C PRO B 308 -5.92 32.13 18.03
N CYS B 309 -6.46 33.35 18.01
CA CYS B 309 -5.67 34.57 17.95
C CYS B 309 -5.95 35.44 19.16
N GLY B 310 -5.13 36.48 19.30
CA GLY B 310 -5.28 37.43 20.40
C GLY B 310 -5.01 36.88 21.78
N ILE B 311 -4.37 35.72 21.90
CA ILE B 311 -4.06 35.13 23.19
C ILE B 311 -2.88 35.86 23.82
N THR B 312 -3.16 36.92 24.56
CA THR B 312 -2.14 37.67 25.26
C THR B 312 -1.90 37.08 26.65
N ASN B 313 -0.74 37.42 27.23
CA ASN B 313 -0.42 36.96 28.57
C ASN B 313 -1.35 37.54 29.63
N ALA B 314 -2.00 38.66 29.32
CA ALA B 314 -2.94 39.29 30.24
C ALA B 314 -4.37 38.77 30.09
N LEU B 315 -4.65 37.99 29.05
CA LEU B 315 -5.99 37.44 28.86
C LEU B 315 -6.33 36.47 29.99
N SER B 316 -7.54 36.59 30.52
CA SER B 316 -7.94 35.75 31.64
C SER B 316 -8.00 34.29 31.22
N GLU B 317 -7.62 33.41 32.14
CA GLU B 317 -7.67 31.97 31.86
C GLU B 317 -9.07 31.52 31.50
N GLU B 318 -10.09 32.16 32.09
CA GLU B 318 -11.47 31.85 31.75
C GLU B 318 -11.78 32.26 30.30
N ASP B 319 -11.46 33.49 29.94
CA ASP B 319 -11.65 33.93 28.57
C ASP B 319 -10.72 33.18 27.61
N LYS B 320 -9.51 32.86 28.04
CA LYS B 320 -8.62 32.04 27.23
C LYS B 320 -9.20 30.66 27.00
N GLU B 321 -9.83 30.08 28.04
CA GLU B 321 -10.47 28.78 27.87
C GLU B 321 -11.73 28.88 27.00
N ALA B 322 -12.41 30.04 27.03
CA ALA B 322 -13.60 30.22 26.21
C ALA B 322 -13.24 30.27 24.73
N LEU B 323 -12.14 30.94 24.38
CA LEU B 323 -11.71 30.99 22.99
C LEU B 323 -11.29 29.62 22.50
N ILE B 324 -10.66 28.82 23.37
CA ILE B 324 -10.29 27.45 23.00
C ILE B 324 -11.53 26.62 22.70
N ALA B 325 -12.56 26.75 23.53
CA ALA B 325 -13.79 26.01 23.30
C ALA B 325 -14.46 26.45 22.01
N LYS B 326 -14.42 27.75 21.72
CA LYS B 326 -15.05 28.25 20.49
C LYS B 326 -14.38 27.64 19.26
N CYS B 327 -13.07 27.45 19.31
CA CYS B 327 -12.37 26.81 18.20
C CYS B 327 -12.80 25.35 18.03
N ASN B 328 -13.00 24.64 19.15
CA ASN B 328 -13.44 23.25 19.06
C ASN B 328 -14.90 23.16 18.64
N ASP B 329 -15.69 24.19 18.90
CA ASP B 329 -17.07 24.21 18.43
C ASP B 329 -17.14 24.28 16.91
N TYR B 330 -16.29 25.11 16.30
CA TYR B 330 -16.16 25.09 14.85
C TYR B 330 -15.64 23.76 14.34
N ARG B 331 -14.77 23.10 15.12
CA ARG B 331 -14.27 21.79 14.73
C ARG B 331 -15.40 20.76 14.68
N ARG B 332 -16.25 20.74 15.70
CA ARG B 332 -17.36 19.79 15.72
C ARG B 332 -18.36 20.08 14.61
N ARG B 333 -18.59 21.35 14.31
CA ARG B 333 -19.56 21.71 13.28
C ARG B 333 -19.04 21.35 11.89
N LEU B 334 -17.77 21.67 11.61
CA LEU B 334 -17.23 21.40 10.29
C LEU B 334 -17.05 19.91 10.04
N LEU B 335 -16.69 19.15 11.08
CA LEU B 335 -16.63 17.70 10.95
C LEU B 335 -18.01 17.09 10.73
N SER B 336 -19.07 17.79 11.11
CA SER B 336 -20.42 17.31 10.89
C SER B 336 -20.87 17.45 9.44
N VAL B 337 -20.22 18.31 8.67
CA VAL B 337 -20.59 18.53 7.27
C VAL B 337 -19.49 17.98 6.37
N ASN B 338 -18.75 16.99 6.88
CA ASN B 338 -17.72 16.28 6.11
C ASN B 338 -16.70 17.25 5.51
N ILE B 339 -16.26 18.21 6.31
CA ILE B 339 -15.19 19.13 5.93
C ILE B 339 -13.98 18.78 6.78
N ARG B 340 -12.86 18.49 6.12
CA ARG B 340 -11.64 18.11 6.82
C ARG B 340 -11.02 19.34 7.48
N VAL B 341 -11.02 19.36 8.81
CA VAL B 341 -10.58 20.53 9.57
C VAL B 341 -9.73 20.06 10.74
N ARG B 342 -8.69 20.83 11.06
CA ARG B 342 -7.90 20.62 12.26
C ARG B 342 -7.79 21.92 13.04
N ALA B 343 -8.01 21.85 14.35
CA ALA B 343 -7.85 22.99 15.23
C ALA B 343 -6.42 22.96 15.78
N ASP B 344 -5.61 23.94 15.37
CA ASP B 344 -4.23 24.05 15.85
C ASP B 344 -4.25 24.86 17.14
N LEU B 345 -4.49 24.17 18.25
CA LEU B 345 -4.56 24.81 19.57
C LEU B 345 -3.28 24.61 20.36
N ARG B 346 -2.15 24.42 19.67
CA ARG B 346 -0.90 24.12 20.35
C ARG B 346 -0.43 25.32 21.16
N ASP B 347 0.06 25.05 22.37
CA ASP B 347 0.42 26.09 23.33
C ASP B 347 1.80 26.69 23.07
N ASN B 348 2.69 25.96 22.39
CA ASN B 348 4.08 26.35 22.24
C ASN B 348 4.37 27.06 20.93
N TYR B 349 3.34 27.45 20.18
CA TYR B 349 3.52 28.16 18.93
C TYR B 349 2.62 29.38 18.89
N SER B 350 3.18 30.51 18.46
CA SER B 350 2.42 31.74 18.36
C SER B 350 1.43 31.67 17.20
N PRO B 351 0.36 32.47 17.25
CA PRO B 351 -0.59 32.46 16.11
C PRO B 351 0.03 32.88 14.80
N GLY B 352 1.00 33.81 14.82
CA GLY B 352 1.66 34.19 13.58
C GLY B 352 2.53 33.09 13.01
N TRP B 353 3.18 32.30 13.88
CA TRP B 353 3.94 31.15 13.39
C TRP B 353 3.04 30.15 12.70
N LYS B 354 1.85 29.92 13.26
CA LYS B 354 0.91 28.98 12.65
C LYS B 354 0.32 29.53 11.37
N PHE B 355 0.19 30.85 11.25
CA PHE B 355 -0.20 31.45 9.99
C PHE B 355 0.73 31.02 8.86
N ASN B 356 2.04 31.26 9.05
CA ASN B 356 3.01 30.93 8.01
C ASN B 356 3.21 29.42 7.89
N HIS B 357 2.93 28.67 8.95
CA HIS B 357 3.13 27.22 8.89
C HIS B 357 2.10 26.57 7.97
N TRP B 358 0.82 26.84 8.21
CA TRP B 358 -0.21 26.23 7.37
C TRP B 358 -0.30 26.88 6.00
N GLU B 359 0.20 28.11 5.85
CA GLU B 359 0.30 28.70 4.52
C GLU B 359 1.30 27.93 3.67
N LEU B 360 2.48 27.65 4.24
CA LEU B 360 3.49 26.89 3.49
C LEU B 360 2.95 25.54 3.05
N LYS B 361 2.12 24.91 3.88
CA LYS B 361 1.64 23.57 3.56
C LYS B 361 0.46 23.59 2.60
N GLY B 362 -0.18 24.75 2.43
CA GLY B 362 -1.20 24.91 1.42
C GLY B 362 -2.63 24.69 1.86
N VAL B 363 -2.93 24.79 3.15
CA VAL B 363 -4.29 24.59 3.66
C VAL B 363 -5.17 25.65 3.01
N PRO B 364 -6.23 25.23 2.29
CA PRO B 364 -7.01 26.20 1.49
C PRO B 364 -7.59 27.34 2.29
N ILE B 365 -8.17 27.07 3.45
CA ILE B 365 -8.81 28.09 4.27
C ILE B 365 -8.19 28.07 5.66
N ARG B 366 -7.91 29.26 6.19
CA ARG B 366 -7.51 29.45 7.58
C ARG B 366 -8.67 30.08 8.33
N LEU B 367 -8.93 29.56 9.53
CA LEU B 367 -10.05 30.00 10.35
C LEU B 367 -9.50 30.64 11.62
N GLU B 368 -9.57 31.96 11.69
CA GLU B 368 -9.07 32.73 12.82
C GLU B 368 -10.21 33.05 13.77
N VAL B 369 -10.00 32.77 15.06
CA VAL B 369 -10.97 33.12 16.10
C VAL B 369 -10.23 33.93 17.15
N GLY B 370 -10.58 35.21 17.26
CA GLY B 370 -10.05 36.05 18.31
C GLY B 370 -11.11 36.40 19.33
N PRO B 371 -10.70 36.88 20.50
CA PRO B 371 -11.69 37.22 21.54
C PRO B 371 -12.71 38.25 21.09
N ARG B 372 -12.28 39.32 20.42
CA ARG B 372 -13.21 40.33 19.94
C ARG B 372 -14.14 39.76 18.87
N ASP B 373 -13.61 38.94 17.96
CA ASP B 373 -14.45 38.34 16.94
C ASP B 373 -15.36 37.26 17.52
N MET B 374 -14.89 36.53 18.53
CA MET B 374 -15.71 35.51 19.17
C MET B 374 -16.89 36.14 19.91
N LYS B 375 -16.63 37.21 20.69
CA LYS B 375 -17.70 37.85 21.43
C LYS B 375 -18.71 38.51 20.50
N SER B 376 -18.28 38.93 19.31
CA SER B 376 -19.17 39.50 18.31
C SER B 376 -19.76 38.43 17.39
N CYS B 377 -19.60 37.16 17.73
CA CYS B 377 -20.20 36.03 17.00
C CYS B 377 -19.76 36.03 15.54
N GLN B 378 -18.45 36.18 15.32
CA GLN B 378 -17.89 36.23 13.98
C GLN B 378 -16.54 35.52 13.98
N PHE B 379 -16.00 35.31 12.79
CA PHE B 379 -14.67 34.72 12.61
C PHE B 379 -14.13 35.17 11.26
N VAL B 380 -12.86 34.85 11.03
CA VAL B 380 -12.15 35.27 9.83
C VAL B 380 -11.79 34.04 9.00
N ALA B 381 -11.93 34.16 7.69
CA ALA B 381 -11.57 33.10 6.75
C ALA B 381 -10.56 33.63 5.76
N VAL B 382 -9.44 32.93 5.61
CA VAL B 382 -8.34 33.38 4.75
C VAL B 382 -8.15 32.34 3.66
N ARG B 383 -8.40 32.73 2.42
CA ARG B 383 -8.20 31.85 1.27
C ARG B 383 -6.71 31.74 0.97
N ARG B 384 -6.23 30.50 0.83
CA ARG B 384 -4.81 30.29 0.54
C ARG B 384 -4.44 30.72 -0.87
N ASP B 385 -5.36 30.58 -1.83
CA ASP B 385 -5.05 30.85 -3.23
C ASP B 385 -4.96 32.33 -3.53
N THR B 386 -5.90 33.12 -3.03
CA THR B 386 -5.94 34.55 -3.31
C THR B 386 -5.51 35.42 -2.13
N GLY B 387 -5.41 34.86 -0.93
CA GLY B 387 -5.10 35.64 0.23
C GLY B 387 -6.22 36.53 0.74
N GLU B 388 -7.42 36.37 0.21
CA GLU B 388 -8.55 37.16 0.68
C GLU B 388 -8.92 36.79 2.12
N LYS B 389 -9.21 37.81 2.92
CA LYS B 389 -9.67 37.65 4.29
C LYS B 389 -11.14 38.01 4.37
N LEU B 390 -11.96 37.07 4.83
CA LEU B 390 -13.41 37.25 4.89
C LEU B 390 -13.87 37.10 6.34
N THR B 391 -14.57 38.11 6.84
CA THR B 391 -15.20 38.05 8.15
C THR B 391 -16.59 37.46 7.98
N VAL B 392 -16.83 36.30 8.58
CA VAL B 392 -18.05 35.55 8.40
C VAL B 392 -18.77 35.44 9.74
N ALA B 393 -20.09 35.59 9.71
CA ALA B 393 -20.88 35.38 10.91
C ALA B 393 -20.84 33.91 11.32
N GLU B 394 -21.05 33.66 12.62
CA GLU B 394 -20.97 32.30 13.15
C GLU B 394 -22.06 31.40 12.59
N ASN B 395 -23.16 31.98 12.09
CA ASN B 395 -24.25 31.17 11.54
C ASN B 395 -23.90 30.60 10.18
N GLU B 396 -23.49 31.46 9.24
CA GLU B 396 -23.18 30.99 7.89
C GLU B 396 -21.77 30.42 7.81
N ALA B 397 -21.42 29.56 8.76
CA ALA B 397 -20.07 29.00 8.79
C ALA B 397 -19.94 27.80 7.85
N GLU B 398 -20.76 26.76 8.07
CA GLU B 398 -20.69 25.58 7.23
C GLU B 398 -21.15 25.86 5.81
N THR B 399 -22.02 26.86 5.63
CA THR B 399 -22.48 27.21 4.29
C THR B 399 -21.39 27.93 3.51
N LYS B 400 -20.80 28.97 4.10
CA LYS B 400 -19.85 29.80 3.35
C LYS B 400 -18.49 29.13 3.22
N LEU B 401 -18.05 28.41 4.24
CA LEU B 401 -16.77 27.71 4.14
C LEU B 401 -16.83 26.63 3.07
N GLN B 402 -17.94 25.90 2.99
CA GLN B 402 -18.11 24.95 1.90
C GLN B 402 -18.12 25.66 0.56
N ALA B 403 -18.72 26.84 0.50
CA ALA B 403 -18.77 27.59 -0.76
C ALA B 403 -17.38 28.09 -1.15
N ILE B 404 -16.59 28.52 -0.18
CA ILE B 404 -15.24 28.99 -0.49
C ILE B 404 -14.35 27.83 -0.95
N LEU B 405 -14.49 26.66 -0.31
CA LEU B 405 -13.69 25.50 -0.71
C LEU B 405 -13.94 25.13 -2.16
N GLU B 406 -15.21 25.16 -2.59
CA GLU B 406 -15.52 24.89 -3.99
C GLU B 406 -15.10 26.05 -4.88
N ASP B 407 -15.14 27.28 -4.34
CA ASP B 407 -14.60 28.43 -5.08
C ASP B 407 -13.11 28.28 -5.30
N ILE B 408 -12.37 27.83 -4.28
CA ILE B 408 -10.94 27.63 -4.41
C ILE B 408 -10.65 26.56 -5.45
N GLN B 409 -11.46 25.48 -5.46
CA GLN B 409 -11.25 24.40 -6.40
C GLN B 409 -11.45 24.85 -7.85
N VAL B 410 -12.50 25.62 -8.11
CA VAL B 410 -12.76 26.07 -9.47
C VAL B 410 -11.81 27.21 -9.87
N THR B 411 -11.36 28.02 -8.91
CA THR B 411 -10.45 29.12 -9.23
C THR B 411 -9.09 28.59 -9.70
N LEU B 412 -8.57 27.56 -9.01
CA LEU B 412 -7.28 27.00 -9.39
C LEU B 412 -7.32 26.32 -10.76
N PHE B 413 -8.44 25.68 -11.11
CA PHE B 413 -8.54 25.04 -12.41
C PHE B 413 -8.74 26.06 -13.52
N THR B 414 -9.56 27.08 -13.30
CA THR B 414 -9.86 28.05 -14.35
C THR B 414 -8.61 28.81 -14.76
N ARG B 415 -7.73 29.12 -13.81
CA ARG B 415 -6.51 29.85 -14.14
C ARG B 415 -5.46 28.97 -14.78
N ALA B 416 -5.38 27.69 -14.37
CA ALA B 416 -4.46 26.78 -15.03
C ALA B 416 -4.96 26.41 -16.42
N SER B 417 -6.29 26.34 -16.61
CA SER B 417 -6.83 26.14 -17.95
C SER B 417 -6.61 27.38 -18.81
N GLU B 418 -6.71 28.55 -18.21
CA GLU B 418 -6.43 29.77 -18.96
C GLU B 418 -4.97 29.87 -19.32
N ASP B 419 -4.08 29.39 -18.44
CA ASP B 419 -2.65 29.38 -18.76
C ASP B 419 -2.35 28.38 -19.87
N LEU B 420 -3.05 27.24 -19.87
CA LEU B 420 -2.86 26.25 -20.92
C LEU B 420 -3.38 26.74 -22.26
N LYS B 421 -4.46 27.53 -22.26
CA LYS B 421 -5.02 28.02 -23.52
C LYS B 421 -4.07 28.97 -24.22
N THR B 422 -3.42 29.86 -23.47
CA THR B 422 -2.52 30.86 -24.05
C THR B 422 -1.10 30.32 -24.25
N HIS B 423 -0.82 29.09 -23.83
CA HIS B 423 0.50 28.50 -23.99
C HIS B 423 0.50 27.29 -24.91
N MET B 424 -0.63 26.92 -25.49
CA MET B 424 -0.72 25.84 -26.48
C MET B 424 -1.33 26.43 -27.74
N VAL B 425 -0.46 26.79 -28.69
CA VAL B 425 -0.90 27.37 -29.95
C VAL B 425 -0.49 26.45 -31.10
N VAL B 426 -0.89 26.81 -32.31
CA VAL B 426 -0.65 25.98 -33.49
C VAL B 426 0.37 26.67 -34.39
N ALA B 427 1.41 25.94 -34.77
CA ALA B 427 2.40 26.39 -35.73
C ALA B 427 2.39 25.44 -36.93
N ASN B 428 2.89 25.94 -38.06
CA ASN B 428 2.79 25.21 -39.31
C ASN B 428 4.11 25.01 -40.06
N THR B 429 5.21 25.62 -39.61
CA THR B 429 6.50 25.46 -40.27
C THR B 429 7.59 25.31 -39.22
N MET B 430 8.82 25.06 -39.68
CA MET B 430 9.93 24.89 -38.74
C MET B 430 10.34 26.21 -38.12
N GLU B 431 10.25 27.31 -38.87
CA GLU B 431 10.71 28.60 -38.37
C GLU B 431 9.83 29.07 -37.20
N ASP B 432 8.53 29.23 -37.45
CA ASP B 432 7.64 29.74 -36.42
C ASP B 432 7.46 28.76 -35.26
N PHE B 433 7.68 27.46 -35.48
CA PHE B 433 7.63 26.52 -34.37
C PHE B 433 8.78 26.77 -33.40
N GLN B 434 9.97 27.08 -33.93
CA GLN B 434 11.10 27.39 -33.05
C GLN B 434 10.85 28.65 -32.24
N LYS B 435 10.21 29.65 -32.83
CA LYS B 435 9.99 30.92 -32.14
C LYS B 435 9.05 30.75 -30.95
N ILE B 436 7.92 30.09 -31.16
CA ILE B 436 6.95 29.94 -30.08
C ILE B 436 7.46 28.98 -29.03
N LEU B 437 8.29 28.01 -29.42
CA LEU B 437 8.82 27.06 -28.45
C LEU B 437 9.74 27.75 -27.46
N ASP B 438 10.72 28.50 -27.96
CA ASP B 438 11.64 29.22 -27.09
C ASP B 438 10.97 30.36 -26.35
N SER B 439 9.71 30.66 -26.66
CA SER B 439 8.91 31.61 -25.90
C SER B 439 8.36 31.02 -24.61
N GLY B 440 8.67 29.76 -24.30
CA GLY B 440 8.13 29.11 -23.12
C GLY B 440 6.77 28.47 -23.32
N LYS B 441 6.46 28.03 -24.53
CA LYS B 441 5.16 27.45 -24.85
C LYS B 441 5.35 26.13 -25.58
N ILE B 442 4.25 25.39 -25.72
CA ILE B 442 4.21 24.16 -26.50
C ILE B 442 3.33 24.40 -27.71
N VAL B 443 3.79 23.96 -28.88
CA VAL B 443 3.12 24.25 -30.14
C VAL B 443 2.64 22.95 -30.77
N GLN B 444 1.44 22.97 -31.34
CA GLN B 444 0.94 21.87 -32.15
C GLN B 444 1.34 22.12 -33.60
N ILE B 445 2.07 21.18 -34.18
CA ILE B 445 2.59 21.32 -35.53
C ILE B 445 2.13 20.16 -36.41
N PRO B 446 2.00 20.35 -37.72
CA PRO B 446 1.72 19.20 -38.60
C PRO B 446 2.96 18.32 -38.72
N PHE B 447 2.78 17.03 -38.44
CA PHE B 447 3.90 16.11 -38.30
C PHE B 447 3.68 14.86 -39.13
N CYS B 448 4.78 14.31 -39.65
CA CYS B 448 4.75 13.13 -40.50
C CYS B 448 4.83 11.84 -39.71
N GLY B 449 4.95 11.92 -38.38
CA GLY B 449 4.94 10.75 -37.52
C GLY B 449 6.17 9.87 -37.57
N GLU B 450 7.17 10.23 -38.35
CA GLU B 450 8.34 9.38 -38.52
C GLU B 450 9.30 9.54 -37.35
N ILE B 451 9.95 8.43 -36.97
CA ILE B 451 10.94 8.49 -35.91
C ILE B 451 12.17 9.28 -36.38
N ASP B 452 12.47 9.24 -37.68
CA ASP B 452 13.61 9.98 -38.21
C ASP B 452 13.42 11.48 -38.00
N CYS B 453 12.24 12.00 -38.32
CA CYS B 453 11.98 13.42 -38.14
C CYS B 453 11.90 13.80 -36.67
N GLU B 454 11.45 12.87 -35.82
CA GLU B 454 11.36 13.14 -34.39
C GLU B 454 12.75 13.32 -33.78
N ASP B 455 13.74 12.58 -34.28
CA ASP B 455 15.11 12.81 -33.84
C ASP B 455 15.67 14.11 -34.41
N TRP B 456 15.24 14.48 -35.62
CA TRP B 456 15.72 15.71 -36.23
C TRP B 456 15.07 16.94 -35.60
N ILE B 457 13.79 16.85 -35.24
CA ILE B 457 13.13 18.01 -34.65
C ILE B 457 13.69 18.30 -33.27
N LYS B 458 14.09 17.26 -32.52
CA LYS B 458 14.64 17.48 -31.19
C LYS B 458 16.05 18.08 -31.28
N LYS B 459 16.84 17.64 -32.25
CA LYS B 459 18.20 18.15 -32.37
C LYS B 459 18.23 19.56 -32.94
N THR B 460 17.31 19.88 -33.85
CA THR B 460 17.33 21.18 -34.49
C THR B 460 16.79 22.28 -33.57
N THR B 461 15.65 22.04 -32.93
CA THR B 461 15.06 23.09 -32.09
C THR B 461 15.79 23.27 -30.78
N ALA B 462 16.71 22.36 -30.43
CA ALA B 462 17.65 22.64 -29.35
C ALA B 462 18.69 23.67 -29.77
N ARG B 463 18.87 23.88 -31.07
CA ARG B 463 19.81 24.87 -31.60
C ARG B 463 19.08 26.03 -32.25
N MET B 474 18.85 20.29 -24.56
CA MET B 474 17.43 20.58 -24.53
C MET B 474 16.75 20.12 -25.82
N GLY B 475 15.73 20.84 -26.23
CA GLY B 475 15.04 20.51 -27.45
C GLY B 475 13.64 19.98 -27.19
N ALA B 476 12.76 20.18 -28.17
CA ALA B 476 11.37 19.76 -28.09
C ALA B 476 11.26 18.31 -28.55
N LYS B 477 10.59 17.49 -27.74
CA LYS B 477 10.33 16.11 -28.09
C LYS B 477 8.83 15.90 -28.23
N SER B 478 8.47 14.78 -28.86
CA SER B 478 7.06 14.47 -29.03
C SER B 478 6.38 14.26 -27.69
N LEU B 479 5.22 14.91 -27.52
CA LEU B 479 4.40 14.76 -26.33
C LEU B 479 3.21 13.83 -26.58
N CYS B 480 2.26 14.24 -27.42
CA CYS B 480 1.09 13.41 -27.73
C CYS B 480 0.44 13.92 -29.00
N ILE B 481 -0.30 13.05 -29.68
CA ILE B 481 -1.13 13.41 -30.81
C ILE B 481 -2.52 13.67 -30.23
N PRO B 482 -2.96 14.92 -30.14
CA PRO B 482 -4.19 15.21 -29.38
C PRO B 482 -5.41 14.54 -29.99
N PHE B 483 -6.25 14.00 -29.11
CA PHE B 483 -7.54 13.48 -29.57
C PHE B 483 -8.37 14.57 -30.21
N LYS B 484 -8.24 15.80 -29.74
CA LYS B 484 -8.95 16.96 -30.27
C LYS B 484 -7.96 18.09 -30.49
N PRO B 485 -7.28 18.12 -31.63
CA PRO B 485 -6.34 19.21 -31.91
C PRO B 485 -7.05 20.55 -32.08
N LEU B 486 -6.25 21.60 -32.13
CA LEU B 486 -6.80 22.95 -32.18
C LEU B 486 -7.37 23.28 -33.55
N CYS B 487 -6.61 23.02 -34.61
CA CYS B 487 -7.02 23.31 -35.98
C CYS B 487 -7.05 22.02 -36.80
N GLU B 488 -8.01 21.95 -37.73
CA GLU B 488 -8.17 20.77 -38.59
C GLU B 488 -7.10 20.78 -39.67
N LEU B 489 -6.31 19.71 -39.73
CA LEU B 489 -5.25 19.59 -40.72
C LEU B 489 -5.84 19.65 -42.13
N GLN B 490 -5.76 20.81 -42.76
CA GLN B 490 -6.30 20.96 -44.10
C GLN B 490 -5.58 20.01 -45.06
N PRO B 491 -6.30 19.34 -45.96
CA PRO B 491 -5.65 18.34 -46.82
C PRO B 491 -4.56 18.96 -47.68
N GLY B 492 -3.44 18.24 -47.80
CA GLY B 492 -2.29 18.69 -48.55
C GLY B 492 -1.15 19.24 -47.71
N ALA B 493 -1.41 19.67 -46.47
CA ALA B 493 -0.37 20.22 -45.63
C ALA B 493 0.69 19.16 -45.32
N LYS B 494 1.95 19.50 -45.56
CA LYS B 494 3.07 18.62 -45.30
C LYS B 494 3.67 18.90 -43.93
N CYS B 495 4.57 18.03 -43.52
CA CYS B 495 5.23 18.16 -42.22
C CYS B 495 6.12 19.40 -42.19
N VAL B 496 6.58 19.75 -40.99
CA VAL B 496 7.47 20.91 -40.86
C VAL B 496 8.81 20.66 -41.53
N CYS B 497 9.19 19.39 -41.72
CA CYS B 497 10.46 19.09 -42.36
C CYS B 497 10.40 19.35 -43.86
N GLY B 498 9.34 18.88 -44.52
CA GLY B 498 9.10 19.10 -45.93
C GLY B 498 9.15 17.84 -46.77
N LYS B 499 9.93 16.84 -46.36
CA LYS B 499 10.07 15.63 -47.15
C LYS B 499 8.76 14.85 -47.21
N ASN B 500 8.17 14.57 -46.05
CA ASN B 500 6.98 13.73 -45.99
C ASN B 500 5.73 14.57 -45.72
N PRO B 501 4.57 14.12 -46.17
CA PRO B 501 3.33 14.83 -45.84
C PRO B 501 2.99 14.69 -44.36
N ALA B 502 2.26 15.68 -43.85
CA ALA B 502 1.80 15.65 -42.48
C ALA B 502 0.60 14.72 -42.35
N LYS B 503 0.65 13.81 -41.38
CA LYS B 503 -0.42 12.85 -41.17
C LYS B 503 -1.36 13.22 -40.04
N TYR B 504 -0.93 14.10 -39.13
CA TYR B 504 -1.77 14.56 -38.03
C TYR B 504 -1.08 15.73 -37.36
N TYR B 505 -1.87 16.54 -36.67
CA TYR B 505 -1.33 17.61 -35.84
C TYR B 505 -0.83 17.01 -34.52
N THR B 506 0.43 17.26 -34.20
CA THR B 506 1.07 16.72 -33.01
C THR B 506 1.55 17.85 -32.11
N LEU B 507 1.43 17.62 -30.80
CA LEU B 507 1.87 18.60 -29.81
C LEU B 507 3.31 18.30 -29.41
N PHE B 508 4.20 19.25 -29.69
CA PHE B 508 5.61 19.14 -29.33
C PHE B 508 5.95 20.10 -28.21
N GLY B 509 7.14 19.96 -27.66
CA GLY B 509 7.65 20.86 -26.65
C GLY B 509 8.70 20.18 -25.78
N ARG B 510 9.48 21.02 -25.10
CA ARG B 510 10.42 20.52 -24.09
C ARG B 510 9.64 19.90 -22.94
N SER B 511 10.09 18.75 -22.46
CA SER B 511 9.35 18.04 -21.43
C SER B 511 10.31 17.50 -20.38
N TYR B 512 9.73 17.16 -19.23
CA TYR B 512 10.49 16.60 -18.12
C TYR B 512 10.82 15.13 -18.37
N PRO C . 11.56 -3.07 12.44
CA PRO C . 11.23 -4.04 13.47
C PRO C . 11.49 -5.45 12.98
O PRO C . 11.93 -5.61 11.85
CB PRO C . 9.74 -3.80 13.72
CG PRO C . 9.26 -3.04 12.54
CD PRO C . 10.41 -2.21 12.10
OXT PRO C . 11.26 -6.43 13.70
C3 0YI D . 7.80 -12.84 8.14
C5 0YI D . 6.11 -12.90 6.61
C11 0YI D . 7.38 -12.24 10.49
C12 0YI D . 7.60 -10.88 11.10
C13 0YI D . 6.71 -10.32 12.02
C14 0YI D . 6.89 -9.07 12.55
C15 0YI D . 7.97 -8.30 12.14
C16 0YI D . 8.87 -8.82 11.24
N9 0YI D . 10.92 -13.80 6.49
C17 0YI D . 8.69 -10.10 10.72
C2 0YI D . 8.65 -13.44 7.21
C6 0YI D . 6.95 -13.50 5.70
C7 0YI D . 10.11 -13.69 7.54
N1 0YI D . 8.23 -13.78 5.98
N10 0YI D . 8.25 -12.51 9.36
N4 0YI D . 6.51 -12.56 7.84
O8 0YI D . 10.50 -13.79 8.70
CL1 0YI D . 5.32 -11.23 12.52
ZN ZN E . 19.10 -22.71 32.38
SR SR F . 26.82 21.24 25.54
SR SR G . 21.21 -13.56 11.62
N PRO H . 3.39 -0.58 -17.29
CA PRO H . 3.00 0.55 -18.13
C PRO H . 4.05 1.64 -18.13
O PRO H . 3.87 2.70 -18.73
CB PRO H . 1.69 1.04 -17.50
CG PRO H . 1.72 0.49 -16.11
CD PRO H . 2.44 -0.80 -16.19
OXT PRO H . 5.10 1.46 -17.52
C3 0YI I . 7.87 8.73 -13.17
C5 0YI I . 7.40 9.44 -11.06
C11 0YI I . 6.19 8.79 -14.98
C12 0YI I . 5.28 7.64 -15.33
C13 0YI I . 3.94 7.85 -15.61
C14 0YI I . 3.09 6.80 -15.94
C15 0YI I . 3.59 5.52 -16.01
C16 0YI I . 4.91 5.29 -15.75
N9 0YI I . 11.41 7.83 -13.38
C17 0YI I . 5.76 6.34 -15.41
C2 0YI I . 9.25 8.75 -12.87
C6 0YI I . 8.75 9.46 -10.76
C7 0YI I . 10.28 8.33 -13.88
N1 0YI I . 9.69 9.12 -11.66
N10 0YI I . 7.47 8.36 -14.40
N4 0YI I . 6.94 9.07 -12.26
O8 0YI I . 10.08 8.45 -15.10
CL1 0YI I . 3.28 9.46 -15.58
ZN ZN J . 8.68 15.28 -40.86
#